data_4OBX
#
_entry.id   4OBX
#
_cell.length_a   193.270
_cell.length_b   75.640
_cell.length_c   84.480
_cell.angle_alpha   90.00
_cell.angle_beta   90.85
_cell.angle_gamma   90.00
#
_symmetry.space_group_name_H-M   'C 1 2 1'
#
loop_
_entity.id
_entity.type
_entity.pdbx_description
1 polymer '2-methoxy-6-polyprenyl-1,4-benzoquinol methylase, mitochondrial'
2 non-polymer TRIS(HYDROXYETHYL)AMINOMETHANE
3 water water
#
_entity_poly.entity_id   1
_entity_poly.type   'polypeptide(L)'
_entity_poly.pdbx_seq_one_letter_code
;MGHHHHHQHMSTKQKLVGDVFSSVANRYDLMNDVMSLGIHRLWKDHFINKLDAGKRPNSTTPLNFIDVAGGSGDIAFGLL
DHAESKFGDTESTMDIVDINPDMLKEGEKRAMEQGKYFKDPRVRFLVSNGEKLEEIDSDSKDIYTVSFGIRNFTDIQKGL
NTAYRVLKPGGIFYCLEFSKIENPLMDFAYQQWAKVLPVMGSMIANDYDSYQYLVESIERFPDQETFKSMIEKAGFKSAG
YESLTFGICAIHWGIKV
;
_entity_poly.pdbx_strand_id   A,D,C,B
#
loop_
_chem_comp.id
_chem_comp.type
_chem_comp.name
_chem_comp.formula
TAM non-polymer TRIS(HYDROXYETHYL)AMINOMETHANE 'C7 H17 N O3'
#
# COMPACT_ATOMS: atom_id res chain seq x y z
N SER A 23 -13.91 -18.69 -23.63
CA SER A 23 -12.71 -18.64 -22.73
C SER A 23 -13.10 -18.13 -21.34
N VAL A 24 -13.43 -19.06 -20.46
CA VAL A 24 -13.95 -18.78 -19.13
C VAL A 24 -12.92 -18.08 -18.24
N ALA A 25 -11.65 -18.39 -18.46
CA ALA A 25 -10.56 -17.84 -17.67
C ALA A 25 -10.33 -16.36 -17.97
N ASN A 26 -10.53 -15.97 -19.23
CA ASN A 26 -10.42 -14.57 -19.63
C ASN A 26 -11.54 -13.71 -19.09
N ARG A 27 -12.70 -14.31 -18.88
CA ARG A 27 -13.84 -13.63 -18.27
C ARG A 27 -13.58 -13.33 -16.78
N TYR A 28 -13.04 -14.31 -16.05
CA TYR A 28 -12.62 -14.08 -14.67
C TYR A 28 -11.55 -13.00 -14.57
N ASP A 29 -10.58 -13.04 -15.48
CA ASP A 29 -9.54 -12.02 -15.56
C ASP A 29 -10.15 -10.65 -15.80
N LEU A 30 -11.04 -10.57 -16.79
CA LEU A 30 -11.69 -9.31 -17.10
C LEU A 30 -12.41 -8.77 -15.86
N MET A 31 -13.26 -9.59 -15.26
CA MET A 31 -14.05 -9.17 -14.11
C MET A 31 -13.21 -8.72 -12.91
N ASN A 32 -12.10 -9.42 -12.67
CA ASN A 32 -11.13 -9.01 -11.63
C ASN A 32 -10.47 -7.68 -11.94
N ASP A 33 -10.10 -7.47 -13.20
CA ASP A 33 -9.55 -6.19 -13.61
C ASP A 33 -10.54 -5.05 -13.37
N VAL A 34 -11.80 -5.27 -13.73
CA VAL A 34 -12.83 -4.25 -13.62
C VAL A 34 -13.09 -3.92 -12.15
N MET A 35 -13.35 -4.94 -11.35
CA MET A 35 -13.66 -4.76 -9.93
C MET A 35 -12.59 -4.00 -9.18
N SER A 36 -11.33 -4.35 -9.43
CA SER A 36 -10.20 -3.78 -8.69
C SER A 36 -9.46 -2.71 -9.48
N LEU A 37 -9.96 -2.38 -10.67
CA LEU A 37 -9.27 -1.42 -11.54
C LEU A 37 -7.83 -1.87 -11.81
N GLY A 38 -7.64 -3.17 -12.00
CA GLY A 38 -6.32 -3.75 -12.29
C GLY A 38 -5.42 -4.03 -11.10
N ILE A 39 -5.80 -3.53 -9.92
CA ILE A 39 -4.94 -3.63 -8.74
C ILE A 39 -4.80 -5.06 -8.18
N HIS A 40 -5.72 -5.95 -8.53
CA HIS A 40 -5.61 -7.34 -8.11
C HIS A 40 -4.29 -7.96 -8.53
N ARG A 41 -3.73 -7.46 -9.64
CA ARG A 41 -2.43 -7.89 -10.13
C ARG A 41 -1.32 -7.55 -9.12
N LEU A 42 -1.45 -6.39 -8.47
CA LEU A 42 -0.50 -5.96 -7.45
C LEU A 42 -0.72 -6.75 -6.16
N TRP A 43 -1.98 -7.04 -5.83
CA TRP A 43 -2.26 -7.87 -4.66
C TRP A 43 -1.64 -9.23 -4.85
N LYS A 44 -1.71 -9.74 -6.07
CA LYS A 44 -1.13 -11.04 -6.40
C LYS A 44 0.40 -11.05 -6.28
N ASP A 45 1.07 -10.00 -6.75
CA ASP A 45 2.52 -9.88 -6.60
C ASP A 45 2.96 -9.78 -5.15
N HIS A 46 2.20 -9.03 -4.35
CA HIS A 46 2.51 -8.88 -2.94
C HIS A 46 2.34 -10.19 -2.20
N PHE A 47 1.27 -10.90 -2.53
CA PHE A 47 0.96 -12.23 -1.98
C PHE A 47 2.11 -13.23 -2.18
N ILE A 48 2.59 -13.34 -3.42
CA ILE A 48 3.72 -14.20 -3.76
C ILE A 48 4.99 -13.76 -3.02
N ASN A 49 5.30 -12.46 -3.06
CA ASN A 49 6.49 -11.93 -2.42
C ASN A 49 6.51 -12.09 -0.90
N LYS A 50 5.34 -11.98 -0.30
CA LYS A 50 5.21 -12.05 1.14
C LYS A 50 5.37 -13.51 1.62
N LEU A 51 4.79 -14.43 0.88
CA LEU A 51 5.00 -15.84 1.14
C LEU A 51 6.48 -16.23 1.00
N ASP A 52 7.13 -15.73 -0.05
CA ASP A 52 8.57 -15.93 -0.26
C ASP A 52 8.99 -17.41 -0.20
N ALA A 53 8.21 -18.25 -0.87
CA ALA A 53 8.41 -19.69 -0.86
C ALA A 53 9.42 -20.13 -1.93
N GLY A 54 10.13 -21.22 -1.64
CA GLY A 54 11.11 -21.80 -2.56
C GLY A 54 12.22 -22.48 -1.77
N LYS A 55 12.78 -23.55 -2.36
CA LYS A 55 13.96 -24.22 -1.81
C LYS A 55 15.13 -23.24 -1.81
N ARG A 56 15.65 -22.94 -0.63
CA ARG A 56 16.82 -22.07 -0.46
C ARG A 56 18.07 -22.71 -1.06
N PRO A 57 19.07 -21.90 -1.47
CA PRO A 57 20.24 -22.48 -2.13
C PRO A 57 21.07 -23.42 -1.24
N ASN A 58 21.12 -23.14 0.07
CA ASN A 58 21.81 -24.00 1.03
C ASN A 58 20.91 -25.13 1.55
N SER A 59 19.92 -25.49 0.75
CA SER A 59 18.99 -26.55 1.10
C SER A 59 18.91 -27.46 -0.10
N THR A 60 18.56 -28.73 0.12
CA THR A 60 18.43 -29.70 -0.97
C THR A 60 17.01 -30.25 -1.08
N THR A 61 16.11 -29.79 -0.22
CA THR A 61 14.71 -30.27 -0.20
C THR A 61 13.76 -29.43 -1.08
N PRO A 62 13.26 -30.01 -2.19
CA PRO A 62 12.23 -29.34 -2.99
C PRO A 62 10.93 -29.22 -2.18
N LEU A 63 10.17 -28.16 -2.41
CA LEU A 63 8.87 -28.00 -1.79
C LEU A 63 7.78 -28.57 -2.69
N ASN A 64 6.73 -29.10 -2.07
CA ASN A 64 5.56 -29.55 -2.83
C ASN A 64 4.38 -28.59 -2.62
N PHE A 65 4.15 -27.76 -3.64
CA PHE A 65 3.08 -26.75 -3.63
C PHE A 65 1.76 -27.36 -4.12
N ILE A 66 0.67 -26.93 -3.50
CA ILE A 66 -0.66 -27.13 -4.08
C ILE A 66 -1.36 -25.76 -4.21
N ASP A 67 -1.91 -25.50 -5.39
CA ASP A 67 -2.65 -24.27 -5.64
C ASP A 67 -4.06 -24.63 -6.07
N VAL A 68 -5.05 -24.11 -5.36
CA VAL A 68 -6.45 -24.53 -5.54
C VAL A 68 -7.32 -23.46 -6.19
N ALA A 69 -8.19 -23.89 -7.10
CA ALA A 69 -9.21 -23.02 -7.74
C ALA A 69 -8.63 -21.84 -8.53
N GLY A 70 -7.44 -22.01 -9.08
CA GLY A 70 -6.84 -21.03 -9.98
C GLY A 70 -6.28 -21.73 -11.20
N GLY A 71 -7.05 -22.61 -11.78
CA GLY A 71 -6.61 -23.46 -12.87
C GLY A 71 -5.89 -22.84 -14.04
N SER A 72 -6.20 -21.58 -14.34
CA SER A 72 -5.54 -20.88 -15.42
C SER A 72 -4.06 -20.85 -15.13
N GLY A 73 -3.72 -20.75 -13.84
CA GLY A 73 -2.34 -20.83 -13.39
C GLY A 73 -1.67 -19.49 -13.18
N ASP A 74 -2.45 -18.43 -12.97
CA ASP A 74 -1.84 -17.16 -12.71
C ASP A 74 -0.90 -17.20 -11.50
N ILE A 75 -1.39 -17.71 -10.41
CA ILE A 75 -0.68 -17.72 -9.17
C ILE A 75 0.33 -18.86 -9.10
N ALA A 76 -0.02 -20.02 -9.60
CA ALA A 76 0.90 -21.12 -9.59
C ALA A 76 2.18 -20.87 -10.37
N PHE A 77 2.06 -20.36 -11.57
CA PHE A 77 3.19 -20.02 -12.38
C PHE A 77 4.07 -18.97 -11.72
N GLY A 78 3.44 -18.03 -11.06
CA GLY A 78 4.13 -16.94 -10.39
C GLY A 78 4.88 -17.42 -9.18
N LEU A 79 4.32 -18.39 -8.48
CA LEU A 79 5.00 -18.99 -7.34
C LEU A 79 6.27 -19.71 -7.80
N LEU A 80 6.15 -20.51 -8.86
CA LEU A 80 7.29 -21.21 -9.42
C LEU A 80 8.34 -20.26 -9.98
N ASP A 81 7.89 -19.20 -10.66
CA ASP A 81 8.80 -18.17 -11.20
C ASP A 81 9.59 -17.49 -10.09
N HIS A 82 8.91 -17.16 -9.00
CA HIS A 82 9.53 -16.49 -7.86
C HIS A 82 10.57 -17.36 -7.23
N ALA A 83 10.29 -18.66 -7.14
CA ALA A 83 11.21 -19.59 -6.51
C ALA A 83 12.50 -19.69 -7.33
N GLU A 84 12.37 -19.71 -8.65
CA GLU A 84 13.49 -19.83 -9.56
C GLU A 84 14.36 -18.56 -9.62
N SER A 85 13.73 -17.41 -9.83
CA SER A 85 14.46 -16.15 -9.98
C SER A 85 15.15 -15.73 -8.69
N LYS A 86 14.53 -16.03 -7.55
CA LYS A 86 15.07 -15.58 -6.27
C LYS A 86 16.00 -16.58 -5.58
N PHE A 87 15.66 -17.86 -5.67
CA PHE A 87 16.38 -18.86 -4.90
C PHE A 87 17.13 -19.86 -5.79
N GLY A 88 16.82 -19.84 -7.09
CA GLY A 88 17.42 -20.78 -8.02
C GLY A 88 16.70 -22.11 -7.97
N ASP A 89 15.58 -22.15 -7.27
CA ASP A 89 14.78 -23.36 -7.11
C ASP A 89 14.12 -23.72 -8.44
N THR A 90 14.57 -24.82 -9.04
CA THR A 90 13.96 -25.34 -10.27
C THR A 90 13.50 -26.78 -10.05
N GLU A 91 13.29 -27.15 -8.78
CA GLU A 91 12.96 -28.53 -8.43
C GLU A 91 11.59 -28.71 -7.78
N SER A 92 11.14 -27.71 -7.03
CA SER A 92 9.84 -27.77 -6.36
C SER A 92 8.72 -28.14 -7.32
N THR A 93 7.74 -28.88 -6.81
CA THR A 93 6.63 -29.35 -7.61
C THR A 93 5.37 -28.56 -7.28
N MET A 94 4.43 -28.56 -8.23
CA MET A 94 3.21 -27.77 -8.12
C MET A 94 2.03 -28.58 -8.63
N ASP A 95 1.03 -28.74 -7.78
CA ASP A 95 -0.23 -29.33 -8.19
C ASP A 95 -1.26 -28.22 -8.42
N ILE A 96 -1.58 -27.94 -9.67
CA ILE A 96 -2.61 -26.97 -10.01
C ILE A 96 -3.97 -27.67 -10.06
N VAL A 97 -4.82 -27.36 -9.09
CA VAL A 97 -6.09 -28.06 -8.91
C VAL A 97 -7.28 -27.11 -9.09
N ASP A 98 -8.22 -27.53 -9.94
CA ASP A 98 -9.44 -26.76 -10.20
C ASP A 98 -10.53 -27.75 -10.51
N ILE A 99 -11.74 -27.45 -10.07
CA ILE A 99 -12.91 -28.31 -10.32
C ILE A 99 -13.40 -28.13 -11.77
N ASN A 100 -12.91 -27.11 -12.45
CA ASN A 100 -13.35 -26.80 -13.79
C ASN A 100 -12.27 -27.13 -14.81
N PRO A 101 -12.47 -28.21 -15.61
CA PRO A 101 -11.50 -28.64 -16.61
C PRO A 101 -11.21 -27.58 -17.69
N ASP A 102 -12.16 -26.68 -17.94
CA ASP A 102 -11.93 -25.54 -18.84
C ASP A 102 -10.91 -24.54 -18.31
N MET A 103 -10.91 -24.33 -17.00
CA MET A 103 -9.91 -23.48 -16.37
C MET A 103 -8.51 -24.08 -16.50
N LEU A 104 -8.38 -25.36 -16.17
CA LEU A 104 -7.11 -26.08 -16.34
C LEU A 104 -6.66 -26.10 -17.81
N LYS A 105 -7.60 -26.33 -18.72
CA LYS A 105 -7.35 -26.28 -20.15
C LYS A 105 -6.69 -24.96 -20.56
N GLU A 106 -7.17 -23.84 -20.00
CA GLU A 106 -6.59 -22.53 -20.27
C GLU A 106 -5.18 -22.41 -19.68
N GLY A 107 -4.99 -22.96 -18.49
CA GLY A 107 -3.67 -22.99 -17.84
C GLY A 107 -2.64 -23.68 -18.70
N GLU A 108 -3.01 -24.84 -19.24
CA GLU A 108 -2.15 -25.62 -20.14
C GLU A 108 -1.85 -24.86 -21.44
N LYS A 109 -2.85 -24.15 -21.94
CA LYS A 109 -2.68 -23.37 -23.17
C LYS A 109 -1.71 -22.22 -22.92
N ARG A 110 -1.86 -21.56 -21.77
CA ARG A 110 -0.96 -20.49 -21.36
C ARG A 110 0.46 -21.00 -21.15
N ALA A 111 0.59 -22.16 -20.50
CA ALA A 111 1.88 -22.79 -20.27
C ALA A 111 2.59 -23.09 -21.60
N MET A 112 1.87 -23.69 -22.53
CA MET A 112 2.39 -23.96 -23.87
C MET A 112 2.83 -22.67 -24.58
N GLU A 113 1.97 -21.65 -24.53
CA GLU A 113 2.26 -20.39 -25.20
C GLU A 113 3.39 -19.60 -24.53
N GLN A 114 3.54 -19.78 -23.22
CA GLN A 114 4.69 -19.24 -22.47
C GLN A 114 5.99 -19.96 -22.84
N GLY A 115 5.87 -21.25 -23.16
CA GLY A 115 7.03 -22.12 -23.30
C GLY A 115 7.64 -22.45 -21.95
N LYS A 116 6.78 -22.61 -20.94
CA LYS A 116 7.22 -22.90 -19.58
C LYS A 116 6.09 -23.57 -18.79
N TYR A 117 6.44 -24.60 -18.03
CA TYR A 117 5.50 -25.39 -17.21
C TYR A 117 4.55 -26.28 -17.99
N PHE A 118 4.76 -26.34 -19.31
CA PHE A 118 3.96 -27.18 -20.18
C PHE A 118 4.68 -28.51 -20.43
N LYS A 119 3.93 -29.61 -20.41
CA LYS A 119 4.47 -30.98 -20.45
C LYS A 119 5.70 -31.08 -19.54
N ASP A 120 5.51 -30.70 -18.28
CA ASP A 120 6.62 -30.53 -17.37
C ASP A 120 6.33 -31.34 -16.09
N PRO A 121 7.15 -32.38 -15.82
CA PRO A 121 6.88 -33.34 -14.73
C PRO A 121 6.70 -32.69 -13.36
N ARG A 122 7.25 -31.48 -13.20
CA ARG A 122 7.10 -30.69 -11.99
C ARG A 122 5.67 -30.22 -11.75
N VAL A 123 4.95 -29.94 -12.84
CA VAL A 123 3.65 -29.29 -12.77
C VAL A 123 2.55 -30.20 -13.28
N ARG A 124 1.61 -30.52 -12.40
CA ARG A 124 0.43 -31.32 -12.76
C ARG A 124 -0.82 -30.46 -12.74
N PHE A 125 -1.66 -30.64 -13.75
CA PHE A 125 -2.97 -30.03 -13.80
C PHE A 125 -3.99 -31.10 -13.44
N LEU A 126 -4.70 -30.88 -12.34
CA LEU A 126 -5.61 -31.90 -11.83
C LEU A 126 -7.01 -31.34 -11.62
N VAL A 127 -7.99 -32.04 -12.21
CA VAL A 127 -9.40 -31.77 -11.96
C VAL A 127 -9.77 -32.34 -10.60
N SER A 128 -10.36 -31.53 -9.74
CA SER A 128 -10.84 -32.01 -8.45
C SER A 128 -11.64 -30.91 -7.74
N ASN A 129 -12.71 -31.32 -7.06
CA ASN A 129 -13.44 -30.42 -6.16
C ASN A 129 -12.47 -29.91 -5.10
N GLY A 130 -12.27 -28.59 -5.07
CA GLY A 130 -11.29 -27.96 -4.19
C GLY A 130 -11.62 -28.07 -2.71
N GLU A 131 -12.88 -28.36 -2.42
CA GLU A 131 -13.35 -28.49 -1.06
C GLU A 131 -13.01 -29.86 -0.46
N LYS A 132 -12.72 -30.82 -1.34
CA LYS A 132 -12.46 -32.21 -0.92
C LYS A 132 -11.05 -32.72 -1.25
N LEU A 133 -10.53 -32.38 -2.43
CA LEU A 133 -9.21 -32.83 -2.88
C LEU A 133 -8.96 -34.33 -2.62
N GLU A 134 -9.92 -35.16 -3.02
CA GLU A 134 -9.89 -36.61 -2.72
C GLU A 134 -8.67 -37.32 -3.28
N GLU A 135 -8.25 -36.93 -4.49
CA GLU A 135 -7.06 -37.50 -5.14
C GLU A 135 -5.75 -37.08 -4.49
N ILE A 136 -5.78 -36.09 -3.61
CA ILE A 136 -4.56 -35.59 -2.96
C ILE A 136 -4.34 -36.29 -1.63
N ASP A 137 -3.15 -36.87 -1.44
CA ASP A 137 -2.83 -37.57 -0.19
C ASP A 137 -2.72 -36.63 1.01
N SER A 138 -3.08 -37.15 2.18
CA SER A 138 -2.90 -36.42 3.43
C SER A 138 -1.42 -36.20 3.72
N ASP A 139 -1.12 -35.10 4.41
CA ASP A 139 0.25 -34.77 4.82
C ASP A 139 1.29 -34.89 3.69
N SER A 140 0.93 -34.44 2.50
CA SER A 140 1.83 -34.50 1.34
C SER A 140 2.31 -33.14 0.82
N LYS A 141 1.74 -32.05 1.33
CA LYS A 141 2.05 -30.70 0.80
C LYS A 141 2.73 -29.77 1.80
N ASP A 142 3.64 -28.96 1.28
CA ASP A 142 4.33 -27.93 2.07
C ASP A 142 3.61 -26.59 2.04
N ILE A 143 3.15 -26.20 0.85
CA ILE A 143 2.44 -24.92 0.66
C ILE A 143 1.09 -25.15 -0.01
N TYR A 144 0.04 -24.62 0.60
CA TYR A 144 -1.28 -24.57 0.01
C TYR A 144 -1.64 -23.11 -0.27
N THR A 145 -1.93 -22.79 -1.52
CA THR A 145 -2.42 -21.45 -1.88
C THR A 145 -3.77 -21.48 -2.56
N VAL A 146 -4.62 -20.53 -2.18
CA VAL A 146 -5.88 -20.30 -2.86
C VAL A 146 -6.08 -18.79 -3.03
N SER A 147 -6.24 -18.36 -4.27
CA SER A 147 -6.24 -16.95 -4.62
C SER A 147 -7.55 -16.58 -5.30
N PHE A 148 -8.39 -15.82 -4.60
CA PHE A 148 -9.74 -15.42 -5.07
C PHE A 148 -10.63 -16.60 -5.49
N GLY A 149 -10.59 -17.69 -4.72
CA GLY A 149 -11.35 -18.87 -5.07
C GLY A 149 -12.25 -19.32 -3.95
N ILE A 150 -11.74 -19.24 -2.72
CA ILE A 150 -12.43 -19.83 -1.59
C ILE A 150 -13.78 -19.17 -1.28
N ARG A 151 -13.97 -17.90 -1.63
CA ARG A 151 -15.28 -17.26 -1.40
C ARG A 151 -16.42 -17.95 -2.16
N ASN A 152 -16.09 -18.65 -3.24
CA ASN A 152 -17.09 -19.37 -4.03
C ASN A 152 -17.22 -20.86 -3.66
N PHE A 153 -16.59 -21.28 -2.57
CA PHE A 153 -16.78 -22.64 -2.07
C PHE A 153 -18.14 -22.68 -1.40
N THR A 154 -18.93 -23.71 -1.70
CA THR A 154 -20.24 -23.86 -1.07
C THR A 154 -20.10 -24.08 0.44
N ASP A 155 -19.02 -24.73 0.85
CA ASP A 155 -18.70 -24.87 2.28
C ASP A 155 -17.25 -24.51 2.60
N ILE A 156 -17.04 -23.30 3.10
CA ILE A 156 -15.70 -22.77 3.33
C ILE A 156 -14.93 -23.54 4.41
N GLN A 157 -15.58 -23.77 5.55
CA GLN A 157 -14.95 -24.53 6.63
C GLN A 157 -14.44 -25.88 6.14
N LYS A 158 -15.25 -26.56 5.33
CA LYS A 158 -14.88 -27.86 4.74
C LYS A 158 -13.62 -27.75 3.88
N GLY A 159 -13.50 -26.64 3.15
CA GLY A 159 -12.31 -26.39 2.34
C GLY A 159 -11.09 -26.09 3.20
N LEU A 160 -11.29 -25.47 4.34
CA LEU A 160 -10.21 -25.23 5.29
C LEU A 160 -9.70 -26.51 5.96
N ASN A 161 -10.64 -27.37 6.35
CA ASN A 161 -10.31 -28.65 6.96
C ASN A 161 -9.52 -29.52 5.97
N THR A 162 -9.93 -29.49 4.71
CA THR A 162 -9.24 -30.20 3.64
C THR A 162 -7.82 -29.67 3.42
N ALA A 163 -7.66 -28.35 3.53
CA ALA A 163 -6.35 -27.70 3.46
C ALA A 163 -5.45 -28.22 4.58
N TYR A 164 -6.00 -28.27 5.79
CA TYR A 164 -5.31 -28.86 6.93
C TYR A 164 -4.89 -30.30 6.65
N ARG A 165 -5.77 -31.09 6.05
CA ARG A 165 -5.51 -32.51 5.79
C ARG A 165 -4.33 -32.72 4.84
N VAL A 166 -4.32 -32.00 3.72
CA VAL A 166 -3.33 -32.26 2.66
C VAL A 166 -1.91 -31.76 3.00
N LEU A 167 -1.83 -30.79 3.89
CA LEU A 167 -0.55 -30.24 4.34
C LEU A 167 0.19 -31.17 5.31
N LYS A 168 1.52 -31.10 5.26
CA LYS A 168 2.42 -31.78 6.21
C LYS A 168 2.49 -30.98 7.50
N PRO A 169 2.94 -31.61 8.60
CA PRO A 169 3.33 -30.84 9.79
C PRO A 169 4.28 -29.72 9.38
N GLY A 170 3.96 -28.49 9.77
CA GLY A 170 4.78 -27.33 9.42
C GLY A 170 4.41 -26.66 8.10
N GLY A 171 3.43 -27.23 7.40
CA GLY A 171 2.96 -26.68 6.14
C GLY A 171 2.22 -25.36 6.28
N ILE A 172 2.29 -24.53 5.24
CA ILE A 172 1.67 -23.20 5.24
C ILE A 172 0.39 -23.19 4.42
N PHE A 173 -0.68 -22.67 5.03
CA PHE A 173 -1.90 -22.31 4.32
C PHE A 173 -1.84 -20.80 4.09
N TYR A 174 -1.91 -20.40 2.83
CA TYR A 174 -1.85 -19.02 2.41
C TYR A 174 -3.01 -18.67 1.48
N CYS A 175 -3.81 -17.66 1.83
CA CYS A 175 -5.04 -17.35 1.10
C CYS A 175 -5.12 -15.88 0.73
N LEU A 176 -5.38 -15.60 -0.55
CA LEU A 176 -5.72 -14.27 -1.03
C LEU A 176 -7.22 -14.24 -1.34
N GLU A 177 -7.96 -13.34 -0.69
CA GLU A 177 -9.39 -13.21 -0.91
C GLU A 177 -9.91 -11.79 -0.59
N PHE A 178 -10.99 -11.40 -1.26
CA PHE A 178 -11.73 -10.20 -0.90
C PHE A 178 -12.14 -10.27 0.56
N SER A 179 -12.31 -9.11 1.19
CA SER A 179 -12.56 -9.06 2.62
C SER A 179 -13.48 -7.89 2.98
N LYS A 180 -13.51 -7.52 4.25
CA LYS A 180 -14.32 -6.39 4.72
C LYS A 180 -13.49 -5.11 4.78
N ILE A 181 -13.96 -4.07 4.10
CA ILE A 181 -13.27 -2.79 4.08
C ILE A 181 -13.31 -2.16 5.47
N GLU A 182 -12.18 -1.66 5.93
CA GLU A 182 -12.01 -1.13 7.29
C GLU A 182 -11.88 0.40 7.33
N ASN A 183 -11.75 1.03 6.17
CA ASN A 183 -11.74 2.49 6.04
C ASN A 183 -13.14 2.93 5.63
N PRO A 184 -13.83 3.65 6.50
CA PRO A 184 -15.18 4.10 6.22
C PRO A 184 -15.34 4.90 4.94
N LEU A 185 -14.38 5.72 4.62
CA LEU A 185 -14.45 6.43 3.39
C LEU A 185 -14.30 5.51 2.19
N MET A 186 -13.35 4.60 2.23
CA MET A 186 -13.24 3.63 1.19
C MET A 186 -14.49 2.78 1.10
N ASP A 187 -15.07 2.43 2.23
CA ASP A 187 -16.31 1.66 2.29
C ASP A 187 -17.45 2.38 1.59
N PHE A 188 -17.57 3.68 1.87
CA PHE A 188 -18.60 4.48 1.26
C PHE A 188 -18.45 4.50 -0.27
N ALA A 189 -17.23 4.72 -0.75
CA ALA A 189 -16.97 4.71 -2.20
C ALA A 189 -17.32 3.33 -2.78
N TYR A 190 -16.95 2.28 -2.07
CA TYR A 190 -17.19 0.92 -2.53
C TYR A 190 -18.68 0.60 -2.66
N GLN A 191 -19.48 1.13 -1.74
CA GLN A 191 -20.92 0.88 -1.75
C GLN A 191 -21.55 1.44 -3.03
N GLN A 192 -21.10 2.62 -3.45
CA GLN A 192 -21.57 3.21 -4.71
C GLN A 192 -21.12 2.36 -5.89
N TRP A 193 -19.83 2.01 -5.89
CA TRP A 193 -19.22 1.13 -6.88
C TRP A 193 -20.01 -0.14 -7.08
N ALA A 194 -20.33 -0.81 -5.98
CA ALA A 194 -21.02 -2.10 -6.02
C ALA A 194 -22.47 -1.97 -6.50
N LYS A 195 -23.04 -0.78 -6.38
CA LYS A 195 -24.39 -0.54 -6.85
C LYS A 195 -24.39 -0.32 -8.36
N VAL A 196 -23.51 0.56 -8.84
CA VAL A 196 -23.48 0.93 -10.25
C VAL A 196 -22.81 -0.13 -11.17
N LEU A 197 -21.87 -0.90 -10.62
CA LEU A 197 -21.14 -1.86 -11.46
C LEU A 197 -22.04 -2.87 -12.18
N PRO A 198 -22.92 -3.57 -11.44
CA PRO A 198 -23.79 -4.52 -12.10
C PRO A 198 -24.80 -3.86 -13.04
N VAL A 199 -25.09 -2.58 -12.80
CA VAL A 199 -25.95 -1.81 -13.68
C VAL A 199 -25.26 -1.59 -15.05
N MET A 200 -23.97 -1.25 -15.01
CA MET A 200 -23.18 -1.15 -16.24
C MET A 200 -23.04 -2.52 -16.88
N GLY A 201 -22.98 -3.56 -16.05
CA GLY A 201 -22.94 -4.94 -16.54
C GLY A 201 -24.17 -5.23 -17.38
N SER A 202 -25.34 -4.80 -16.90
CA SER A 202 -26.60 -4.99 -17.60
C SER A 202 -26.63 -4.24 -18.93
N MET A 203 -26.25 -2.97 -18.85
CA MET A 203 -26.44 -2.03 -19.93
C MET A 203 -25.39 -2.20 -21.04
N ILE A 204 -24.13 -2.32 -20.65
CA ILE A 204 -23.04 -2.42 -21.62
C ILE A 204 -22.76 -3.87 -22.00
N ALA A 205 -22.81 -4.77 -21.02
CA ALA A 205 -22.37 -6.14 -21.25
C ALA A 205 -23.52 -7.12 -21.42
N ASN A 206 -24.74 -6.61 -21.28
CA ASN A 206 -25.92 -7.46 -21.23
C ASN A 206 -25.71 -8.62 -20.24
N ASP A 207 -25.13 -8.31 -19.09
CA ASP A 207 -24.69 -9.32 -18.13
C ASP A 207 -24.76 -8.80 -16.70
N TYR A 208 -25.99 -8.61 -16.20
CA TYR A 208 -26.22 -8.22 -14.82
C TYR A 208 -25.72 -9.30 -13.85
N ASP A 209 -26.20 -10.53 -14.08
CA ASP A 209 -25.96 -11.66 -13.18
C ASP A 209 -24.52 -11.86 -12.72
N SER A 210 -23.58 -11.85 -13.65
CA SER A 210 -22.19 -12.13 -13.30
C SER A 210 -21.62 -11.08 -12.34
N TYR A 211 -21.92 -9.82 -12.61
CA TYR A 211 -21.41 -8.74 -11.77
C TYR A 211 -22.08 -8.68 -10.41
N GLN A 212 -23.38 -8.94 -10.36
CA GLN A 212 -24.15 -8.99 -9.11
C GLN A 212 -23.77 -10.21 -8.26
N TYR A 213 -23.55 -11.34 -8.92
CA TYR A 213 -23.05 -12.53 -8.22
C TYR A 213 -21.69 -12.25 -7.58
N LEU A 214 -20.78 -11.63 -8.34
CA LEU A 214 -19.49 -11.22 -7.81
C LEU A 214 -19.64 -10.32 -6.57
N VAL A 215 -20.40 -9.23 -6.69
CA VAL A 215 -20.66 -8.33 -5.57
C VAL A 215 -21.23 -9.06 -4.36
N GLU A 216 -22.19 -9.96 -4.59
CA GLU A 216 -22.83 -10.69 -3.49
C GLU A 216 -21.88 -11.71 -2.86
N SER A 217 -21.04 -12.34 -3.70
CA SER A 217 -20.09 -13.34 -3.23
C SER A 217 -19.12 -12.67 -2.26
N ILE A 218 -18.75 -11.43 -2.56
CA ILE A 218 -17.84 -10.64 -1.72
C ILE A 218 -18.50 -10.25 -0.40
N GLU A 219 -19.76 -9.82 -0.50
CA GLU A 219 -20.55 -9.39 0.63
C GLU A 219 -20.74 -10.53 1.64
N ARG A 220 -20.95 -11.75 1.15
CA ARG A 220 -21.23 -12.92 2.01
C ARG A 220 -19.97 -13.50 2.67
N PHE A 221 -18.79 -13.12 2.19
CA PHE A 221 -17.56 -13.67 2.76
C PHE A 221 -17.33 -13.19 4.19
N PRO A 222 -16.82 -14.08 5.07
CA PRO A 222 -16.53 -13.65 6.45
C PRO A 222 -15.45 -12.57 6.51
N ASP A 223 -15.59 -11.65 7.47
CA ASP A 223 -14.60 -10.61 7.68
C ASP A 223 -13.30 -11.20 8.22
N GLN A 224 -12.30 -10.35 8.40
CA GLN A 224 -10.95 -10.80 8.69
C GLN A 224 -10.87 -11.67 9.94
N GLU A 225 -11.54 -11.24 11.01
CA GLU A 225 -11.49 -11.91 12.30
C GLU A 225 -12.24 -13.25 12.29
N THR A 226 -13.43 -13.26 11.69
CA THR A 226 -14.21 -14.49 11.55
C THR A 226 -13.48 -15.55 10.72
N PHE A 227 -12.86 -15.12 9.62
CA PHE A 227 -12.11 -16.04 8.74
C PHE A 227 -10.87 -16.61 9.44
N LYS A 228 -10.20 -15.77 10.22
CA LYS A 228 -9.08 -16.22 11.06
C LYS A 228 -9.55 -17.34 12.02
N SER A 229 -10.70 -17.13 12.66
CA SER A 229 -11.28 -18.12 13.56
C SER A 229 -11.52 -19.46 12.88
N MET A 230 -12.06 -19.40 11.66
CA MET A 230 -12.36 -20.58 10.87
C MET A 230 -11.07 -21.34 10.57
N ILE A 231 -10.04 -20.59 10.20
CA ILE A 231 -8.72 -21.16 9.96
C ILE A 231 -8.20 -21.88 11.22
N GLU A 232 -8.42 -21.27 12.39
CA GLU A 232 -8.04 -21.88 13.66
C GLU A 232 -8.89 -23.11 13.95
N LYS A 233 -10.19 -23.00 13.68
CA LYS A 233 -11.14 -24.10 13.80
C LYS A 233 -10.71 -25.32 12.97
N ALA A 234 -10.10 -25.08 11.82
CA ALA A 234 -9.56 -26.16 10.99
C ALA A 234 -8.39 -26.88 11.66
N GLY A 235 -7.78 -26.22 12.64
CA GLY A 235 -6.65 -26.78 13.39
C GLY A 235 -5.34 -26.05 13.19
N PHE A 236 -5.34 -25.02 12.34
CA PHE A 236 -4.12 -24.26 12.07
C PHE A 236 -3.71 -23.41 13.27
N LYS A 237 -2.40 -23.28 13.49
CA LYS A 237 -1.86 -22.44 14.55
C LYS A 237 -1.16 -21.20 13.98
N SER A 238 -0.85 -20.26 14.87
CA SER A 238 -0.25 -18.97 14.51
C SER A 238 -0.87 -18.32 13.26
N ALA A 239 -2.20 -18.31 13.24
CA ALA A 239 -2.97 -17.71 12.16
C ALA A 239 -2.90 -16.18 12.22
N GLY A 240 -3.03 -15.56 11.06
CA GLY A 240 -3.00 -14.12 10.95
C GLY A 240 -3.51 -13.69 9.60
N TYR A 241 -3.64 -12.37 9.43
CA TYR A 241 -4.03 -11.79 8.17
C TYR A 241 -3.38 -10.42 8.00
N GLU A 242 -3.27 -9.99 6.75
CA GLU A 242 -2.89 -8.62 6.44
C GLU A 242 -3.95 -8.08 5.48
N SER A 243 -4.62 -6.99 5.86
CA SER A 243 -5.56 -6.34 4.97
C SER A 243 -4.81 -5.59 3.88
N LEU A 244 -5.27 -5.72 2.64
CA LEU A 244 -4.75 -4.95 1.51
C LEU A 244 -5.74 -3.88 1.10
N THR A 245 -5.23 -2.74 0.63
CA THR A 245 -6.08 -1.65 0.12
C THR A 245 -7.31 -1.42 1.02
N PHE A 246 -7.06 -1.17 2.30
CA PHE A 246 -8.08 -0.88 3.33
C PHE A 246 -9.00 -2.06 3.63
N GLY A 247 -8.57 -3.26 3.26
CA GLY A 247 -9.38 -4.45 3.49
C GLY A 247 -10.34 -4.81 2.37
N ILE A 248 -10.22 -4.14 1.23
CA ILE A 248 -10.96 -4.59 0.03
C ILE A 248 -10.57 -6.04 -0.22
N CYS A 249 -9.32 -6.36 0.06
CA CYS A 249 -8.97 -7.76 0.22
C CYS A 249 -7.94 -7.98 1.32
N ALA A 250 -7.63 -9.25 1.56
CA ALA A 250 -6.73 -9.63 2.63
C ALA A 250 -5.99 -10.92 2.32
N ILE A 251 -4.84 -11.05 2.97
CA ILE A 251 -4.07 -12.29 2.99
C ILE A 251 -4.28 -12.93 4.37
N HIS A 252 -4.68 -14.19 4.39
CA HIS A 252 -4.79 -14.97 5.62
C HIS A 252 -3.82 -16.13 5.58
N TRP A 253 -3.25 -16.49 6.74
CA TRP A 253 -2.34 -17.63 6.82
C TRP A 253 -2.58 -18.47 8.04
N GLY A 254 -2.12 -19.72 7.96
CA GLY A 254 -2.15 -20.67 9.06
C GLY A 254 -1.01 -21.65 8.89
N ILE A 255 -0.56 -22.24 10.00
CA ILE A 255 0.51 -23.23 9.95
C ILE A 255 0.02 -24.54 10.57
N LYS A 256 0.23 -25.66 9.86
CA LYS A 256 -0.22 -26.94 10.36
C LYS A 256 0.60 -27.38 11.56
N VAL A 257 -0.11 -27.60 12.67
CA VAL A 257 0.42 -28.04 13.98
C VAL A 257 1.87 -27.68 14.28
N SER B 23 3.89 -6.32 16.52
CA SER B 23 3.72 -6.34 18.00
C SER B 23 2.49 -5.53 18.43
N VAL B 24 1.71 -6.11 19.34
CA VAL B 24 0.50 -5.45 19.86
C VAL B 24 0.91 -4.30 20.78
N ALA B 25 2.02 -4.49 21.50
CA ALA B 25 2.54 -3.50 22.43
C ALA B 25 3.09 -2.25 21.71
N ASN B 26 3.87 -2.47 20.66
CA ASN B 26 4.39 -1.37 19.84
C ASN B 26 3.26 -0.55 19.22
N ARG B 27 2.23 -1.25 18.75
CA ARG B 27 1.05 -0.63 18.16
C ARG B 27 0.34 0.27 19.17
N TYR B 28 0.16 -0.23 20.40
CA TYR B 28 -0.41 0.59 21.48
C TYR B 28 0.49 1.78 21.80
N ASP B 29 1.80 1.55 21.86
CA ASP B 29 2.79 2.61 22.10
C ASP B 29 2.70 3.71 21.04
N LEU B 30 2.67 3.31 19.77
CA LEU B 30 2.56 4.24 18.65
C LEU B 30 1.31 5.10 18.78
N MET B 31 0.15 4.44 18.93
CA MET B 31 -1.13 5.13 19.14
C MET B 31 -1.06 6.22 20.22
N ASN B 32 -0.52 5.85 21.38
CA ASN B 32 -0.37 6.77 22.50
C ASN B 32 0.58 7.92 22.17
N ASP B 33 1.66 7.59 21.47
CA ASP B 33 2.60 8.62 21.00
C ASP B 33 1.92 9.63 20.09
N VAL B 34 1.07 9.14 19.18
CA VAL B 34 0.40 10.02 18.23
C VAL B 34 -0.63 10.90 18.96
N MET B 35 -1.57 10.25 19.65
CA MET B 35 -2.63 10.92 20.37
C MET B 35 -2.13 12.07 21.26
N SER B 36 -1.03 11.85 21.96
CA SER B 36 -0.54 12.84 22.93
C SER B 36 0.75 13.54 22.51
N LEU B 37 1.15 13.37 21.25
CA LEU B 37 2.42 13.93 20.76
C LEU B 37 3.59 13.54 21.66
N GLY B 38 3.59 12.28 22.10
CA GLY B 38 4.64 11.76 22.97
C GLY B 38 4.57 12.16 24.44
N ILE B 39 3.63 13.03 24.78
CA ILE B 39 3.60 13.63 26.13
C ILE B 39 3.13 12.64 27.20
N HIS B 40 2.48 11.56 26.78
CA HIS B 40 2.05 10.52 27.70
C HIS B 40 3.22 9.94 28.45
N ARG B 41 4.40 9.96 27.83
CA ARG B 41 5.63 9.48 28.46
C ARG B 41 5.97 10.31 29.70
N LEU B 42 5.73 11.61 29.60
CA LEU B 42 5.94 12.53 30.69
C LEU B 42 4.82 12.39 31.72
N TRP B 43 3.62 12.07 31.26
CA TRP B 43 2.52 11.86 32.21
C TRP B 43 2.79 10.67 33.08
N LYS B 44 3.33 9.63 32.45
CA LYS B 44 3.71 8.39 33.10
C LYS B 44 4.88 8.58 34.07
N ASP B 45 5.86 9.41 33.69
CA ASP B 45 6.98 9.70 34.59
C ASP B 45 6.51 10.44 35.84
N HIS B 46 5.63 11.42 35.65
CA HIS B 46 5.08 12.17 36.77
C HIS B 46 4.27 11.27 37.70
N PHE B 47 3.42 10.42 37.12
CA PHE B 47 2.63 9.42 37.85
C PHE B 47 3.51 8.61 38.81
N ILE B 48 4.61 8.07 38.29
CA ILE B 48 5.54 7.27 39.07
C ILE B 48 6.26 8.12 40.14
N ASN B 49 6.77 9.28 39.74
CA ASN B 49 7.42 10.18 40.70
C ASN B 49 6.49 10.75 41.77
N LYS B 50 5.24 11.01 41.40
CA LYS B 50 4.28 11.57 42.34
C LYS B 50 3.96 10.53 43.41
N LEU B 51 3.79 9.27 42.98
CA LEU B 51 3.50 8.17 43.89
C LEU B 51 4.65 7.94 44.86
N ASP B 52 5.88 7.93 44.34
CA ASP B 52 7.10 7.87 45.17
C ASP B 52 7.09 6.63 46.09
N ALA B 53 6.70 5.50 45.52
CA ALA B 53 6.56 4.25 46.28
C ALA B 53 7.87 3.46 46.31
N GLY B 54 8.05 2.69 47.39
CA GLY B 54 9.22 1.86 47.57
C GLY B 54 9.47 1.64 49.05
N LYS B 55 10.11 0.52 49.37
CA LYS B 55 10.57 0.27 50.74
C LYS B 55 11.72 1.21 51.09
N ARG B 56 11.49 2.10 52.04
CA ARG B 56 12.57 2.99 52.53
C ARG B 56 13.72 2.21 53.18
N PRO B 57 14.95 2.74 53.08
CA PRO B 57 16.13 2.05 53.64
C PRO B 57 15.97 1.62 55.10
N ASN B 58 15.33 2.46 55.92
CA ASN B 58 15.08 2.16 57.33
C ASN B 58 13.93 1.19 57.58
N SER B 59 13.13 0.92 56.55
CA SER B 59 11.95 0.07 56.68
C SER B 59 12.27 -1.39 56.42
N THR B 60 11.61 -2.27 57.17
CA THR B 60 11.85 -3.71 57.08
C THR B 60 10.84 -4.37 56.16
N THR B 61 9.73 -3.69 55.90
CA THR B 61 8.61 -4.23 55.15
C THR B 61 8.67 -3.94 53.64
N PRO B 62 8.90 -4.99 52.80
CA PRO B 62 8.76 -4.81 51.35
C PRO B 62 7.32 -4.54 50.95
N LEU B 63 7.12 -3.89 49.81
CA LEU B 63 5.78 -3.58 49.36
C LEU B 63 5.31 -4.60 48.36
N ASN B 64 4.02 -4.83 48.30
CA ASN B 64 3.45 -5.70 47.28
C ASN B 64 2.60 -4.89 46.30
N PHE B 65 3.18 -4.63 45.13
CA PHE B 65 2.54 -3.86 44.06
C PHE B 65 1.68 -4.76 43.18
N ILE B 66 0.53 -4.28 42.77
CA ILE B 66 -0.20 -4.90 41.67
C ILE B 66 -0.44 -3.85 40.57
N ASP B 67 -0.15 -4.23 39.32
CA ASP B 67 -0.38 -3.37 38.17
C ASP B 67 -1.30 -4.05 37.17
N VAL B 68 -2.41 -3.37 36.86
CA VAL B 68 -3.47 -3.94 36.06
C VAL B 68 -3.53 -3.30 34.67
N ALA B 69 -3.75 -4.15 33.66
CA ALA B 69 -4.00 -3.73 32.27
C ALA B 69 -2.82 -3.00 31.64
N GLY B 70 -1.61 -3.39 32.02
CA GLY B 70 -0.41 -2.82 31.41
C GLY B 70 0.63 -3.91 31.26
N GLY B 71 0.22 -5.02 30.64
CA GLY B 71 1.03 -6.23 30.49
C GLY B 71 2.41 -6.08 29.85
N SER B 72 2.53 -5.11 28.93
CA SER B 72 3.83 -4.76 28.33
C SER B 72 4.79 -4.20 29.38
N GLY B 73 4.22 -3.79 30.51
CA GLY B 73 4.98 -3.50 31.73
C GLY B 73 5.69 -2.18 31.86
N ASP B 74 5.44 -1.23 30.97
CA ASP B 74 6.18 0.02 31.07
C ASP B 74 6.00 0.75 32.42
N ILE B 75 4.77 0.77 32.94
CA ILE B 75 4.53 1.27 34.31
C ILE B 75 5.09 0.34 35.40
N ALA B 76 4.80 -0.95 35.30
CA ALA B 76 5.30 -1.94 36.27
C ALA B 76 6.82 -1.86 36.47
N PHE B 77 7.59 -1.92 35.37
CA PHE B 77 9.05 -1.80 35.45
C PHE B 77 9.54 -0.44 35.98
N GLY B 78 8.85 0.63 35.59
CA GLY B 78 9.17 1.97 36.09
C GLY B 78 8.98 2.07 37.60
N LEU B 79 7.92 1.47 38.10
CA LEU B 79 7.65 1.47 39.54
C LEU B 79 8.81 0.84 40.33
N LEU B 80 9.19 -0.37 39.93
CA LEU B 80 10.33 -1.07 40.53
C LEU B 80 11.66 -0.34 40.35
N ASP B 81 11.88 0.22 39.16
CA ASP B 81 13.07 1.04 38.89
C ASP B 81 13.16 2.23 39.83
N HIS B 82 12.04 2.94 40.01
CA HIS B 82 12.03 4.08 40.92
C HIS B 82 12.36 3.67 42.33
N ALA B 83 11.74 2.58 42.79
CA ALA B 83 12.01 2.04 44.13
C ALA B 83 13.50 1.72 44.31
N GLU B 84 14.08 1.01 43.34
CA GLU B 84 15.48 0.65 43.42
C GLU B 84 16.38 1.87 43.43
N SER B 85 16.22 2.76 42.45
CA SER B 85 17.13 3.89 42.31
C SER B 85 17.01 4.92 43.42
N LYS B 86 15.79 5.16 43.92
CA LYS B 86 15.67 6.16 44.98
C LYS B 86 15.92 5.58 46.39
N PHE B 87 15.49 4.34 46.63
CA PHE B 87 15.51 3.76 47.96
C PHE B 87 16.43 2.55 48.16
N GLY B 88 16.98 2.03 47.06
CA GLY B 88 17.76 0.80 47.11
C GLY B 88 16.89 -0.40 47.37
N ASP B 89 15.60 -0.28 47.10
CA ASP B 89 14.65 -1.37 47.30
C ASP B 89 14.77 -2.40 46.18
N THR B 90 15.07 -3.64 46.54
CA THR B 90 15.11 -4.74 45.57
C THR B 90 14.35 -5.95 46.08
N GLU B 91 13.37 -5.70 46.94
CA GLU B 91 12.64 -6.75 47.64
C GLU B 91 11.15 -6.69 47.37
N SER B 92 10.64 -5.47 47.15
CA SER B 92 9.22 -5.26 46.85
C SER B 92 8.81 -6.06 45.63
N THR B 93 7.62 -6.65 45.69
CA THR B 93 7.13 -7.51 44.62
C THR B 93 6.08 -6.81 43.73
N MET B 94 5.92 -7.35 42.53
CA MET B 94 5.03 -6.79 41.53
C MET B 94 4.25 -7.89 40.82
N ASP B 95 2.92 -7.80 40.86
CA ASP B 95 2.06 -8.61 39.98
C ASP B 95 1.61 -7.79 38.76
N ILE B 96 2.16 -8.14 37.59
CA ILE B 96 1.76 -7.55 36.31
C ILE B 96 0.60 -8.35 35.73
N VAL B 97 -0.58 -7.74 35.74
CA VAL B 97 -1.81 -8.44 35.42
C VAL B 97 -2.55 -7.82 34.22
N ASP B 98 -2.92 -8.67 33.27
CA ASP B 98 -3.57 -8.24 32.04
C ASP B 98 -4.42 -9.37 31.49
N ILE B 99 -5.54 -9.03 30.88
CA ILE B 99 -6.44 -10.02 30.29
C ILE B 99 -5.94 -10.51 28.92
N ASN B 100 -5.00 -9.77 28.34
CA ASN B 100 -4.44 -10.10 27.03
C ASN B 100 -3.06 -10.75 27.17
N PRO B 101 -2.98 -12.07 26.95
CA PRO B 101 -1.73 -12.82 27.12
C PRO B 101 -0.60 -12.36 26.19
N ASP B 102 -0.98 -11.82 25.03
CA ASP B 102 -0.01 -11.26 24.07
C ASP B 102 0.67 -10.00 24.59
N MET B 103 -0.05 -9.22 25.38
CA MET B 103 0.51 -8.03 26.02
C MET B 103 1.54 -8.44 27.06
N LEU B 104 1.19 -9.43 27.88
CA LEU B 104 2.09 -10.00 28.88
C LEU B 104 3.30 -10.68 28.24
N LYS B 105 3.06 -11.40 27.14
CA LYS B 105 4.13 -12.01 26.36
C LYS B 105 5.13 -10.94 25.91
N GLU B 106 4.63 -9.78 25.51
CA GLU B 106 5.49 -8.65 25.15
C GLU B 106 6.27 -8.11 26.34
N GLY B 107 5.60 -8.01 27.49
CA GLY B 107 6.24 -7.59 28.73
C GLY B 107 7.40 -8.49 29.10
N GLU B 108 7.14 -9.80 29.08
CA GLU B 108 8.16 -10.82 29.34
C GLU B 108 9.31 -10.72 28.35
N LYS B 109 8.99 -10.47 27.08
CA LYS B 109 9.98 -10.33 26.03
C LYS B 109 10.90 -9.11 26.26
N ARG B 110 10.29 -7.99 26.66
CA ARG B 110 11.04 -6.77 26.96
C ARG B 110 11.92 -6.92 28.19
N ALA B 111 11.41 -7.62 29.20
CA ALA B 111 12.18 -7.91 30.42
C ALA B 111 13.43 -8.74 30.07
N MET B 112 13.24 -9.73 29.21
CA MET B 112 14.34 -10.55 28.73
C MET B 112 15.42 -9.69 28.06
N GLU B 113 15.02 -8.97 27.02
CA GLU B 113 15.95 -8.20 26.20
C GLU B 113 16.63 -7.08 26.96
N GLN B 114 15.95 -6.50 27.94
CA GLN B 114 16.54 -5.46 28.77
C GLN B 114 17.41 -6.04 29.89
N GLY B 115 17.22 -7.33 30.16
CA GLY B 115 18.01 -8.03 31.18
C GLY B 115 17.62 -7.65 32.59
N LYS B 116 16.32 -7.46 32.82
CA LYS B 116 15.81 -7.13 34.15
C LYS B 116 14.36 -7.52 34.29
N TYR B 117 14.03 -8.05 35.47
CA TYR B 117 12.68 -8.54 35.81
C TYR B 117 12.23 -9.76 35.01
N PHE B 118 13.15 -10.37 34.26
CA PHE B 118 12.85 -11.60 33.52
C PHE B 118 13.20 -12.86 34.32
N LYS B 119 12.23 -13.77 34.41
CA LYS B 119 12.30 -14.92 35.33
C LYS B 119 12.79 -14.48 36.70
N ASP B 120 12.17 -13.42 37.21
CA ASP B 120 12.54 -12.81 38.48
C ASP B 120 11.45 -13.22 39.47
N PRO B 121 11.85 -13.81 40.61
CA PRO B 121 10.83 -14.25 41.58
C PRO B 121 9.99 -13.09 42.14
N ARG B 122 10.56 -11.88 42.16
CA ARG B 122 9.81 -10.67 42.59
C ARG B 122 8.66 -10.30 41.66
N VAL B 123 8.77 -10.68 40.39
CA VAL B 123 7.83 -10.24 39.34
C VAL B 123 7.07 -11.38 38.67
N ARG B 124 5.74 -11.36 38.80
CA ARG B 124 4.88 -12.32 38.13
C ARG B 124 4.05 -11.68 37.02
N PHE B 125 3.99 -12.35 35.87
CA PHE B 125 3.09 -11.97 34.78
C PHE B 125 1.88 -12.90 34.83
N LEU B 126 0.72 -12.36 35.14
CA LEU B 126 -0.49 -13.20 35.32
C LEU B 126 -1.62 -12.77 34.38
N VAL B 127 -2.20 -13.76 33.70
CA VAL B 127 -3.36 -13.53 32.83
C VAL B 127 -4.62 -13.51 33.67
N SER B 128 -5.29 -12.37 33.70
CA SER B 128 -6.51 -12.24 34.49
C SER B 128 -7.41 -11.06 34.09
N ASN B 129 -8.68 -11.19 34.45
CA ASN B 129 -9.68 -10.18 34.20
C ASN B 129 -9.62 -9.09 35.28
N GLY B 130 -9.23 -7.90 34.87
CA GLY B 130 -9.11 -6.75 35.79
C GLY B 130 -10.35 -6.46 36.61
N GLU B 131 -11.51 -6.90 36.14
CA GLU B 131 -12.76 -6.71 36.87
C GLU B 131 -12.97 -7.76 37.97
N LYS B 132 -12.15 -8.82 37.96
CA LYS B 132 -12.34 -9.97 38.86
C LYS B 132 -11.13 -10.28 39.73
N LEU B 133 -9.97 -10.43 39.09
CA LEU B 133 -8.70 -10.74 39.78
C LEU B 133 -8.84 -11.91 40.76
N GLU B 134 -9.46 -12.98 40.29
CA GLU B 134 -9.78 -14.15 41.10
C GLU B 134 -8.55 -14.82 41.70
N GLU B 135 -7.40 -14.62 41.06
CA GLU B 135 -6.13 -15.21 41.46
C GLU B 135 -5.43 -14.41 42.56
N ILE B 136 -5.94 -13.21 42.83
CA ILE B 136 -5.34 -12.31 43.80
C ILE B 136 -6.14 -12.36 45.11
N ASP B 137 -5.46 -12.57 46.23
CA ASP B 137 -6.17 -12.61 47.53
C ASP B 137 -6.59 -11.23 47.96
N SER B 138 -7.80 -11.16 48.53
CA SER B 138 -8.26 -9.95 49.19
C SER B 138 -7.21 -9.49 50.19
N ASP B 139 -7.13 -8.18 50.38
CA ASP B 139 -6.25 -7.54 51.36
C ASP B 139 -4.77 -7.98 51.28
N SER B 140 -4.31 -8.31 50.07
CA SER B 140 -2.93 -8.76 49.88
C SER B 140 -2.00 -7.67 49.32
N LYS B 141 -2.57 -6.59 48.78
CA LYS B 141 -1.77 -5.61 48.04
C LYS B 141 -1.62 -4.25 48.74
N ASP B 142 -0.44 -3.65 48.66
CA ASP B 142 -0.21 -2.32 49.25
C ASP B 142 -0.52 -1.21 48.24
N ILE B 143 -0.19 -1.47 46.98
CA ILE B 143 -0.33 -0.50 45.89
C ILE B 143 -1.00 -1.20 44.71
N TYR B 144 -2.12 -0.62 44.26
CA TYR B 144 -2.75 -0.98 42.99
C TYR B 144 -2.55 0.18 42.00
N THR B 145 -1.93 -0.11 40.85
CA THR B 145 -1.83 0.87 39.76
C THR B 145 -2.52 0.41 38.47
N VAL B 146 -3.20 1.34 37.82
CA VAL B 146 -3.71 1.14 36.46
C VAL B 146 -3.48 2.41 35.64
N SER B 147 -2.80 2.24 34.52
CA SER B 147 -2.37 3.37 33.71
C SER B 147 -2.89 3.23 32.28
N PHE B 148 -3.88 4.06 31.95
CA PHE B 148 -4.44 4.12 30.59
C PHE B 148 -5.11 2.81 30.14
N GLY B 149 -5.68 2.08 31.10
CA GLY B 149 -6.34 0.82 30.83
C GLY B 149 -7.76 0.71 31.34
N ILE B 150 -8.15 1.55 32.30
CA ILE B 150 -9.43 1.39 32.98
C ILE B 150 -10.58 1.96 32.15
N ARG B 151 -10.28 2.91 31.25
CA ARG B 151 -11.31 3.44 30.35
C ARG B 151 -11.83 2.36 29.40
N ASN B 152 -11.07 1.26 29.25
CA ASN B 152 -11.46 0.16 28.37
C ASN B 152 -12.13 -1.02 29.10
N PHE B 153 -12.39 -0.87 30.40
CA PHE B 153 -13.11 -1.87 31.17
C PHE B 153 -14.58 -1.87 30.77
N THR B 154 -15.15 -3.05 30.53
CA THR B 154 -16.57 -3.16 30.25
C THR B 154 -17.39 -2.69 31.46
N ASP B 155 -16.90 -2.98 32.67
CA ASP B 155 -17.53 -2.50 33.88
C ASP B 155 -16.50 -1.83 34.80
N ILE B 156 -16.48 -0.50 34.78
CA ILE B 156 -15.47 0.30 35.47
C ILE B 156 -15.66 0.26 36.98
N GLN B 157 -16.89 0.49 37.44
CA GLN B 157 -17.23 0.31 38.85
C GLN B 157 -16.77 -1.05 39.41
N LYS B 158 -16.99 -2.12 38.65
CA LYS B 158 -16.63 -3.47 39.08
C LYS B 158 -15.12 -3.62 39.24
N GLY B 159 -14.38 -3.02 38.31
CA GLY B 159 -12.91 -2.99 38.39
C GLY B 159 -12.45 -2.23 39.63
N LEU B 160 -13.17 -1.15 39.94
CA LEU B 160 -12.90 -0.34 41.15
C LEU B 160 -13.19 -1.11 42.44
N ASN B 161 -14.31 -1.85 42.46
CA ASN B 161 -14.69 -2.65 43.62
C ASN B 161 -13.71 -3.78 43.88
N THR B 162 -13.21 -4.37 42.80
CA THR B 162 -12.19 -5.39 42.83
C THR B 162 -10.85 -4.83 43.31
N ALA B 163 -10.52 -3.61 42.87
CA ALA B 163 -9.32 -2.91 43.37
C ALA B 163 -9.40 -2.72 44.89
N TYR B 164 -10.58 -2.27 45.36
CA TYR B 164 -10.83 -2.16 46.79
C TYR B 164 -10.59 -3.49 47.52
N ARG B 165 -11.13 -4.57 46.95
CA ARG B 165 -11.03 -5.92 47.53
C ARG B 165 -9.58 -6.33 47.76
N VAL B 166 -8.77 -6.29 46.70
CA VAL B 166 -7.40 -6.83 46.79
C VAL B 166 -6.40 -5.98 47.59
N LEU B 167 -6.73 -4.71 47.82
CA LEU B 167 -5.87 -3.83 48.61
C LEU B 167 -6.00 -4.06 50.13
N LYS B 168 -4.88 -3.97 50.84
CA LYS B 168 -4.85 -3.94 52.32
C LYS B 168 -5.46 -2.62 52.81
N PRO B 169 -5.92 -2.58 54.08
CA PRO B 169 -6.25 -1.29 54.70
C PRO B 169 -5.00 -0.42 54.80
N GLY B 170 -5.13 0.85 54.46
CA GLY B 170 -3.97 1.71 54.30
C GLY B 170 -3.41 1.65 52.88
N GLY B 171 -3.91 0.70 52.09
CA GLY B 171 -3.45 0.52 50.71
C GLY B 171 -3.98 1.61 49.82
N ILE B 172 -3.33 1.83 48.69
CA ILE B 172 -3.69 2.92 47.78
C ILE B 172 -4.03 2.43 46.36
N PHE B 173 -5.13 2.97 45.84
CA PHE B 173 -5.52 2.77 44.46
C PHE B 173 -5.03 3.97 43.67
N TYR B 174 -4.19 3.74 42.68
CA TYR B 174 -3.56 4.77 41.89
C TYR B 174 -3.80 4.68 40.40
N CYS B 175 -4.42 5.70 39.83
CA CYS B 175 -4.90 5.59 38.45
C CYS B 175 -4.46 6.75 37.55
N LEU B 176 -3.97 6.40 36.37
CA LEU B 176 -3.69 7.39 35.35
C LEU B 176 -4.59 7.12 34.16
N GLU B 177 -5.37 8.12 33.76
CA GLU B 177 -6.30 7.95 32.64
C GLU B 177 -6.64 9.27 31.96
N PHE B 178 -7.08 9.23 30.70
CA PHE B 178 -7.61 10.43 30.03
C PHE B 178 -8.81 10.94 30.84
N SER B 179 -9.09 12.23 30.71
CA SER B 179 -10.10 12.87 31.54
C SER B 179 -10.79 13.93 30.72
N LYS B 180 -11.43 14.90 31.38
CA LYS B 180 -12.15 15.95 30.71
C LYS B 180 -11.39 17.28 30.76
N ILE B 181 -11.26 17.93 29.61
CA ILE B 181 -10.66 19.26 29.57
C ILE B 181 -11.65 20.31 30.07
N GLU B 182 -11.18 21.11 31.01
CA GLU B 182 -11.97 22.08 31.75
C GLU B 182 -12.24 23.33 30.91
N ASN B 183 -11.16 23.87 30.35
CA ASN B 183 -11.18 25.06 29.53
C ASN B 183 -11.83 24.86 28.14
N PRO B 184 -12.83 25.71 27.78
CA PRO B 184 -13.57 25.58 26.51
C PRO B 184 -12.73 25.74 25.23
N LEU B 185 -11.75 26.60 25.22
CA LEU B 185 -10.90 26.74 24.06
C LEU B 185 -10.10 25.49 23.80
N MET B 186 -9.48 25.00 24.84
CA MET B 186 -8.66 23.80 24.73
C MET B 186 -9.47 22.55 24.41
N ASP B 187 -10.67 22.47 24.97
CA ASP B 187 -11.54 21.34 24.70
C ASP B 187 -11.99 21.35 23.24
N PHE B 188 -12.27 22.54 22.71
CA PHE B 188 -12.71 22.70 21.34
C PHE B 188 -11.64 22.24 20.35
N ALA B 189 -10.39 22.68 20.58
CA ALA B 189 -9.28 22.23 19.77
C ALA B 189 -9.10 20.71 19.85
N TYR B 190 -9.12 20.17 21.07
CA TYR B 190 -9.02 18.72 21.27
C TYR B 190 -10.10 17.93 20.51
N GLN B 191 -11.34 18.43 20.52
CA GLN B 191 -12.44 17.75 19.84
C GLN B 191 -12.22 17.70 18.33
N GLN B 192 -11.57 18.72 17.78
CA GLN B 192 -11.21 18.72 16.37
C GLN B 192 -10.13 17.68 16.10
N TRP B 193 -9.16 17.60 17.01
CA TRP B 193 -8.11 16.59 16.99
C TRP B 193 -8.67 15.19 17.02
N ALA B 194 -9.63 14.98 17.91
CA ALA B 194 -10.30 13.68 18.04
C ALA B 194 -11.08 13.33 16.77
N LYS B 195 -11.45 14.34 15.99
CA LYS B 195 -12.16 14.09 14.72
C LYS B 195 -11.20 13.72 13.59
N VAL B 196 -10.11 14.48 13.45
CA VAL B 196 -9.24 14.32 12.29
C VAL B 196 -8.36 13.07 12.43
N LEU B 197 -8.06 12.69 13.67
CA LEU B 197 -7.08 11.66 13.96
C LEU B 197 -7.42 10.27 13.39
N PRO B 198 -8.66 9.76 13.62
CA PRO B 198 -9.00 8.46 13.02
C PRO B 198 -9.07 8.48 11.50
N VAL B 199 -9.33 9.65 10.92
CA VAL B 199 -9.40 9.81 9.47
C VAL B 199 -8.01 9.66 8.87
N MET B 200 -7.04 10.37 9.44
CA MET B 200 -5.65 10.24 9.02
C MET B 200 -5.15 8.82 9.27
N GLY B 201 -5.48 8.28 10.45
CA GLY B 201 -5.13 6.90 10.78
C GLY B 201 -5.68 5.93 9.74
N SER B 202 -6.92 6.17 9.33
CA SER B 202 -7.55 5.33 8.33
C SER B 202 -6.90 5.49 6.97
N MET B 203 -6.74 6.73 6.54
CA MET B 203 -6.21 7.02 5.21
C MET B 203 -4.77 6.57 5.04
N ILE B 204 -3.93 6.78 6.07
CA ILE B 204 -2.50 6.55 5.92
C ILE B 204 -2.07 5.15 6.35
N ALA B 205 -2.71 4.63 7.40
CA ALA B 205 -2.25 3.42 8.05
C ALA B 205 -3.35 2.36 8.14
N ASN B 206 -4.51 2.64 7.54
CA ASN B 206 -5.69 1.76 7.63
C ASN B 206 -5.99 1.40 9.09
N ASP B 207 -6.01 2.40 9.93
CA ASP B 207 -6.14 2.21 11.34
C ASP B 207 -7.32 2.89 11.95
N TYR B 208 -8.42 2.97 11.24
CA TYR B 208 -9.59 3.70 11.69
C TYR B 208 -10.06 3.20 13.05
N ASP B 209 -10.21 1.88 13.14
CA ASP B 209 -10.86 1.27 14.29
C ASP B 209 -10.10 1.46 15.60
N SER B 210 -8.78 1.39 15.54
CA SER B 210 -7.92 1.66 16.70
C SER B 210 -8.10 3.07 17.23
N TYR B 211 -8.00 4.05 16.35
CA TYR B 211 -8.11 5.45 16.75
C TYR B 211 -9.52 5.88 17.11
N GLN B 212 -10.50 5.33 16.40
CA GLN B 212 -11.90 5.62 16.70
C GLN B 212 -12.30 5.03 18.04
N TYR B 213 -11.84 3.80 18.31
CA TYR B 213 -12.11 3.17 19.60
C TYR B 213 -11.47 3.98 20.74
N LEU B 214 -10.25 4.47 20.50
CA LEU B 214 -9.55 5.26 21.50
C LEU B 214 -10.36 6.51 21.85
N VAL B 215 -10.77 7.25 20.83
CA VAL B 215 -11.47 8.51 20.98
C VAL B 215 -12.82 8.31 21.66
N GLU B 216 -13.50 7.23 21.30
CA GLU B 216 -14.80 6.91 21.87
C GLU B 216 -14.65 6.54 23.34
N SER B 217 -13.63 5.75 23.65
CA SER B 217 -13.39 5.33 25.03
C SER B 217 -13.04 6.53 25.93
N ILE B 218 -12.35 7.52 25.36
CA ILE B 218 -12.01 8.76 26.08
C ILE B 218 -13.28 9.56 26.31
N GLU B 219 -14.07 9.72 25.27
CA GLU B 219 -15.33 10.43 25.32
C GLU B 219 -16.34 9.84 26.33
N ARG B 220 -16.35 8.53 26.49
CA ARG B 220 -17.32 7.85 27.37
C ARG B 220 -16.88 7.88 28.84
N PHE B 221 -15.61 8.15 29.08
CA PHE B 221 -15.05 8.06 30.42
C PHE B 221 -15.60 9.18 31.32
N PRO B 222 -15.91 8.85 32.58
CA PRO B 222 -16.45 9.87 33.51
C PRO B 222 -15.44 10.99 33.77
N ASP B 223 -15.92 12.21 33.93
CA ASP B 223 -15.05 13.36 34.24
C ASP B 223 -14.41 13.21 35.64
N GLN B 224 -13.48 14.12 35.97
CA GLN B 224 -12.71 14.07 37.22
C GLN B 224 -13.54 13.86 38.49
N GLU B 225 -14.61 14.64 38.64
CA GLU B 225 -15.44 14.56 39.83
C GLU B 225 -16.32 13.30 39.89
N THR B 226 -16.85 12.90 38.73
CA THR B 226 -17.66 11.67 38.61
C THR B 226 -16.84 10.40 38.91
N PHE B 227 -15.64 10.32 38.33
CA PHE B 227 -14.74 9.20 38.60
C PHE B 227 -14.35 9.17 40.09
N LYS B 228 -14.06 10.34 40.65
CA LYS B 228 -13.79 10.48 42.09
C LYS B 228 -14.91 9.83 42.92
N SER B 229 -16.15 10.07 42.50
CA SER B 229 -17.34 9.56 43.19
C SER B 229 -17.47 8.05 43.05
N MET B 230 -17.05 7.53 41.90
CA MET B 230 -17.06 6.08 41.69
C MET B 230 -16.01 5.41 42.54
N ILE B 231 -14.89 6.09 42.72
CA ILE B 231 -13.82 5.62 43.60
C ILE B 231 -14.34 5.60 45.05
N GLU B 232 -15.07 6.64 45.42
CA GLU B 232 -15.69 6.70 46.74
C GLU B 232 -16.80 5.64 46.88
N LYS B 233 -17.58 5.43 45.83
CA LYS B 233 -18.62 4.40 45.82
C LYS B 233 -18.06 3.01 46.13
N ALA B 234 -16.83 2.75 45.70
CA ALA B 234 -16.18 1.48 45.98
C ALA B 234 -15.72 1.35 47.46
N GLY B 235 -15.80 2.44 48.21
CA GLY B 235 -15.41 2.45 49.62
C GLY B 235 -14.12 3.18 49.94
N PHE B 236 -13.36 3.57 48.90
CA PHE B 236 -12.10 4.27 49.13
C PHE B 236 -12.33 5.58 49.86
N LYS B 237 -11.45 5.91 50.76
CA LYS B 237 -11.49 7.16 51.47
C LYS B 237 -10.45 8.14 50.94
N SER B 238 -10.60 9.40 51.33
CA SER B 238 -9.87 10.52 50.79
C SER B 238 -9.39 10.41 49.34
N ALA B 239 -10.35 10.19 48.48
CA ALA B 239 -10.12 10.16 47.08
C ALA B 239 -9.85 11.57 46.63
N GLY B 240 -9.04 11.69 45.61
CA GLY B 240 -8.78 12.96 44.96
C GLY B 240 -8.25 12.73 43.57
N TYR B 241 -7.92 13.82 42.87
CA TYR B 241 -7.28 13.70 41.57
C TYR B 241 -6.33 14.87 41.36
N GLU B 242 -5.40 14.70 40.41
CA GLU B 242 -4.68 15.83 39.85
C GLU B 242 -4.87 15.79 38.34
N SER B 243 -5.38 16.90 37.78
CA SER B 243 -5.50 17.07 36.35
C SER B 243 -4.16 17.44 35.75
N LEU B 244 -3.81 16.77 34.65
CA LEU B 244 -2.56 17.03 33.97
C LEU B 244 -2.87 17.66 32.63
N THR B 245 -2.02 18.60 32.22
CA THR B 245 -2.10 19.19 30.88
C THR B 245 -3.54 19.65 30.61
N PHE B 246 -4.03 20.49 31.52
CA PHE B 246 -5.36 21.08 31.45
C PHE B 246 -6.50 20.06 31.54
N GLY B 247 -6.21 18.87 32.06
CA GLY B 247 -7.24 17.84 32.19
C GLY B 247 -7.42 16.89 30.99
N ILE B 248 -6.53 16.95 30.01
CA ILE B 248 -6.49 15.91 28.97
C ILE B 248 -6.37 14.55 29.62
N CYS B 249 -5.67 14.51 30.75
CA CYS B 249 -5.71 13.33 31.61
C CYS B 249 -5.58 13.71 33.08
N ALA B 250 -5.77 12.72 33.94
CA ALA B 250 -5.77 12.94 35.36
C ALA B 250 -5.22 11.73 36.09
N ILE B 251 -4.62 12.01 37.24
CA ILE B 251 -4.26 10.97 38.18
C ILE B 251 -5.33 11.00 39.27
N HIS B 252 -5.96 9.85 39.50
CA HIS B 252 -6.90 9.68 40.61
C HIS B 252 -6.33 8.72 41.62
N TRP B 253 -6.79 8.85 42.86
CA TRP B 253 -6.38 7.91 43.91
C TRP B 253 -7.48 7.69 44.90
N GLY B 254 -7.35 6.61 45.66
CA GLY B 254 -8.22 6.33 46.79
C GLY B 254 -7.49 5.45 47.78
N ILE B 255 -7.78 5.63 49.07
CA ILE B 255 -7.12 4.89 50.14
C ILE B 255 -8.14 3.95 50.81
N LYS B 256 -7.79 2.68 50.95
CA LYS B 256 -8.70 1.73 51.56
C LYS B 256 -8.89 1.98 53.05
N VAL B 257 -10.14 2.13 53.46
CA VAL B 257 -10.55 2.54 54.78
C VAL B 257 -9.42 3.01 55.65
N SER C 23 17.17 15.01 24.41
CA SER C 23 17.56 14.13 23.27
C SER C 23 16.92 14.58 21.96
N VAL C 24 17.72 15.26 21.13
CA VAL C 24 17.26 15.82 19.86
C VAL C 24 16.81 14.74 18.87
N ALA C 25 17.53 13.62 18.83
CA ALA C 25 17.20 12.52 17.94
C ALA C 25 15.85 11.92 18.28
N ASN C 26 15.57 11.72 19.57
CA ASN C 26 14.30 11.18 20.01
C ASN C 26 13.11 12.10 19.71
N ARG C 27 13.33 13.41 19.75
CA ARG C 27 12.30 14.37 19.40
C ARG C 27 11.93 14.24 17.92
N TYR C 28 12.95 14.08 17.07
CA TYR C 28 12.74 13.90 15.63
C TYR C 28 12.04 12.58 15.31
N ASP C 29 12.46 11.51 15.99
CA ASP C 29 11.82 10.21 15.87
C ASP C 29 10.34 10.30 16.17
N LEU C 30 10.02 11.00 17.26
CA LEU C 30 8.65 11.17 17.70
C LEU C 30 7.83 11.93 16.64
N MET C 31 8.37 13.03 16.16
CA MET C 31 7.71 13.84 15.14
C MET C 31 7.45 13.08 13.85
N ASN C 32 8.41 12.26 13.43
CA ASN C 32 8.25 11.41 12.26
C ASN C 32 7.08 10.46 12.47
N ASP C 33 7.04 9.82 13.63
CA ASP C 33 5.92 8.95 13.99
C ASP C 33 4.59 9.71 13.93
N VAL C 34 4.53 10.87 14.59
CA VAL C 34 3.31 11.66 14.63
C VAL C 34 2.85 12.05 13.21
N MET C 35 3.73 12.69 12.46
CA MET C 35 3.36 13.20 11.15
C MET C 35 2.90 12.10 10.20
N SER C 36 3.59 10.96 10.23
CA SER C 36 3.30 9.85 9.34
C SER C 36 2.38 8.79 9.95
N LEU C 37 1.85 9.06 11.15
CA LEU C 37 1.01 8.07 11.84
C LEU C 37 1.77 6.73 11.98
N GLY C 38 3.09 6.82 12.10
CA GLY C 38 3.94 5.65 12.27
C GLY C 38 4.43 4.99 11.00
N ILE C 39 3.92 5.44 9.85
CA ILE C 39 4.17 4.80 8.56
C ILE C 39 5.56 5.05 7.96
N HIS C 40 6.26 6.09 8.47
CA HIS C 40 7.57 6.50 7.91
C HIS C 40 8.58 5.38 7.85
N ARG C 41 8.49 4.44 8.78
CA ARG C 41 9.37 3.29 8.83
C ARG C 41 9.20 2.42 7.59
N LEU C 42 7.95 2.28 7.13
CA LEU C 42 7.68 1.53 5.92
C LEU C 42 8.16 2.30 4.68
N TRP C 43 8.01 3.61 4.68
CA TRP C 43 8.54 4.42 3.56
C TRP C 43 10.03 4.21 3.43
N LYS C 44 10.71 4.23 4.55
CA LYS C 44 12.14 4.05 4.64
C LYS C 44 12.64 2.68 4.19
N ASP C 45 12.02 1.64 4.68
CA ASP C 45 12.33 0.28 4.23
C ASP C 45 12.18 0.15 2.72
N HIS C 46 11.10 0.70 2.17
CA HIS C 46 10.88 0.67 0.72
C HIS C 46 11.98 1.40 -0.01
N PHE C 47 12.29 2.60 0.47
CA PHE C 47 13.39 3.44 -0.02
C PHE C 47 14.69 2.65 -0.17
N ILE C 48 15.11 2.01 0.91
CA ILE C 48 16.35 1.21 0.96
C ILE C 48 16.29 0.03 0.00
N ASN C 49 15.21 -0.74 0.07
CA ASN C 49 15.02 -1.89 -0.83
C ASN C 49 14.99 -1.50 -2.30
N LYS C 50 14.37 -0.37 -2.60
CA LYS C 50 14.28 0.09 -3.97
C LYS C 50 15.66 0.43 -4.52
N LEU C 51 16.48 1.09 -3.70
CA LEU C 51 17.82 1.50 -4.14
C LEU C 51 18.69 0.28 -4.38
N ASP C 52 18.57 -0.71 -3.49
CA ASP C 52 19.27 -1.99 -3.62
C ASP C 52 20.78 -1.81 -3.85
N ALA C 53 21.40 -0.97 -3.03
CA ALA C 53 22.80 -0.61 -3.16
C ALA C 53 23.69 -1.57 -2.37
N GLY C 54 24.90 -1.78 -2.87
CA GLY C 54 25.91 -2.55 -2.19
C GLY C 54 26.90 -3.24 -3.10
N LYS C 55 28.04 -3.61 -2.55
CA LYS C 55 29.03 -4.41 -3.25
C LYS C 55 28.49 -5.78 -3.56
N ARG C 56 28.47 -6.15 -4.83
CA ARG C 56 27.98 -7.47 -5.16
C ARG C 56 29.01 -8.51 -4.75
N PRO C 57 28.59 -9.73 -4.45
CA PRO C 57 29.43 -10.66 -3.69
C PRO C 57 30.82 -10.92 -4.29
N ASN C 58 30.92 -10.97 -5.61
CA ASN C 58 32.19 -11.26 -6.25
C ASN C 58 32.91 -10.03 -6.79
N SER C 59 32.38 -8.85 -6.48
CA SER C 59 33.05 -7.61 -6.82
C SER C 59 34.16 -7.34 -5.81
N THR C 60 35.16 -6.58 -6.25
CA THR C 60 36.26 -6.19 -5.38
C THR C 60 36.35 -4.66 -5.33
N THR C 61 35.32 -3.99 -5.83
CA THR C 61 35.24 -2.54 -5.78
C THR C 61 34.19 -2.11 -4.74
N PRO C 62 34.65 -1.76 -3.52
CA PRO C 62 33.73 -1.31 -2.47
C PRO C 62 33.06 0.02 -2.86
N LEU C 63 31.84 0.24 -2.39
CA LEU C 63 31.11 1.47 -2.69
C LEU C 63 31.33 2.58 -1.66
N ASN C 64 31.27 3.83 -2.11
CA ASN C 64 31.34 4.96 -1.18
C ASN C 64 30.02 5.73 -1.09
N PHE C 65 29.30 5.50 0.01
CA PHE C 65 28.01 6.14 0.29
C PHE C 65 28.21 7.48 0.99
N ILE C 66 27.34 8.43 0.69
CA ILE C 66 27.18 9.60 1.55
C ILE C 66 25.70 9.77 1.87
N ASP C 67 25.42 9.93 3.16
CA ASP C 67 24.07 10.19 3.63
C ASP C 67 24.01 11.54 4.33
N VAL C 68 23.07 12.37 3.90
CA VAL C 68 22.98 13.77 4.33
C VAL C 68 21.75 14.06 5.18
N ALA C 69 21.94 14.89 6.21
CA ALA C 69 20.89 15.36 7.12
C ALA C 69 20.13 14.27 7.85
N GLY C 70 20.83 13.18 8.17
CA GLY C 70 20.25 12.09 8.97
C GLY C 70 21.25 11.62 10.02
N GLY C 71 21.83 12.57 10.75
CA GLY C 71 22.92 12.31 11.69
C GLY C 71 22.70 11.22 12.73
N SER C 72 21.46 11.02 13.14
CA SER C 72 21.10 9.97 14.09
C SER C 72 21.30 8.58 13.47
N GLY C 73 21.39 8.56 12.15
CA GLY C 73 21.82 7.37 11.42
C GLY C 73 20.77 6.38 10.99
N ASP C 74 19.49 6.64 11.25
CA ASP C 74 18.43 5.64 10.94
C ASP C 74 18.49 5.11 9.50
N ILE C 75 18.65 5.98 8.54
CA ILE C 75 18.80 5.59 7.16
C ILE C 75 20.18 5.06 6.86
N ALA C 76 21.23 5.71 7.32
CA ALA C 76 22.61 5.31 7.05
C ALA C 76 22.97 3.90 7.55
N PHE C 77 22.46 3.53 8.72
CA PHE C 77 22.69 2.19 9.27
C PHE C 77 21.93 1.15 8.46
N GLY C 78 20.72 1.51 8.03
CA GLY C 78 19.88 0.63 7.23
C GLY C 78 20.52 0.30 5.89
N LEU C 79 21.13 1.30 5.26
CA LEU C 79 21.83 1.10 4.00
C LEU C 79 22.96 0.07 4.13
N LEU C 80 23.78 0.23 5.16
CA LEU C 80 24.90 -0.67 5.41
C LEU C 80 24.43 -2.08 5.76
N ASP C 81 23.38 -2.16 6.58
CA ASP C 81 22.77 -3.45 6.93
C ASP C 81 22.25 -4.17 5.69
N HIS C 82 21.61 -3.42 4.80
CA HIS C 82 21.07 -4.01 3.59
C HIS C 82 22.18 -4.57 2.73
N ALA C 83 23.25 -3.80 2.60
CA ALA C 83 24.40 -4.19 1.79
C ALA C 83 25.02 -5.47 2.33
N GLU C 84 25.10 -5.56 3.65
CA GLU C 84 25.70 -6.72 4.31
C GLU C 84 24.82 -7.95 4.17
N SER C 85 23.57 -7.87 4.62
CA SER C 85 22.72 -9.04 4.67
C SER C 85 22.37 -9.58 3.29
N LYS C 86 22.31 -8.70 2.29
CA LYS C 86 21.95 -9.13 0.95
C LYS C 86 23.14 -9.61 0.11
N PHE C 87 24.28 -8.92 0.24
CA PHE C 87 25.43 -9.14 -0.65
C PHE C 87 26.71 -9.59 0.06
N GLY C 88 26.71 -9.59 1.39
CA GLY C 88 27.91 -9.87 2.17
C GLY C 88 28.90 -8.73 2.12
N ASP C 89 28.40 -7.51 1.90
CA ASP C 89 29.23 -6.32 1.73
C ASP C 89 29.56 -5.73 3.10
N THR C 90 30.79 -5.94 3.55
CA THR C 90 31.27 -5.30 4.77
C THR C 90 32.47 -4.42 4.48
N GLU C 91 32.55 -3.94 3.24
CA GLU C 91 33.68 -3.13 2.79
C GLU C 91 33.30 -1.73 2.34
N SER C 92 32.06 -1.54 1.90
CA SER C 92 31.59 -0.23 1.49
C SER C 92 31.67 0.77 2.66
N THR C 93 32.05 2.01 2.34
CA THR C 93 32.16 3.09 3.32
C THR C 93 30.92 3.98 3.34
N MET C 94 30.65 4.57 4.50
CA MET C 94 29.52 5.48 4.68
C MET C 94 29.97 6.76 5.35
N ASP C 95 29.65 7.90 4.75
CA ASP C 95 29.81 9.20 5.38
C ASP C 95 28.47 9.72 5.87
N ILE C 96 28.28 9.76 7.18
CA ILE C 96 27.09 10.32 7.82
C ILE C 96 27.33 11.80 8.06
N VAL C 97 26.70 12.64 7.23
CA VAL C 97 26.88 14.08 7.30
C VAL C 97 25.61 14.77 7.80
N ASP C 98 25.78 15.64 8.79
CA ASP C 98 24.69 16.42 9.37
C ASP C 98 25.23 17.77 9.81
N ILE C 99 24.41 18.81 9.68
CA ILE C 99 24.80 20.16 10.09
C ILE C 99 24.78 20.31 11.61
N ASN C 100 24.03 19.44 12.27
CA ASN C 100 23.85 19.51 13.71
C ASN C 100 24.67 18.44 14.42
N PRO C 101 25.68 18.87 15.19
CA PRO C 101 26.60 18.00 15.93
C PRO C 101 25.90 17.10 16.95
N ASP C 102 24.81 17.60 17.54
CA ASP C 102 24.03 16.84 18.52
C ASP C 102 23.36 15.63 17.89
N MET C 103 22.95 15.77 16.63
CA MET C 103 22.35 14.66 15.87
C MET C 103 23.37 13.56 15.63
N LEU C 104 24.57 13.96 15.20
CA LEU C 104 25.68 13.04 14.98
C LEU C 104 26.15 12.36 16.27
N LYS C 105 26.16 13.13 17.35
CA LYS C 105 26.47 12.64 18.69
C LYS C 105 25.51 11.52 19.06
N GLU C 106 24.23 11.70 18.75
CA GLU C 106 23.21 10.69 19.02
C GLU C 106 23.39 9.45 18.16
N GLY C 107 23.67 9.66 16.87
CA GLY C 107 23.94 8.57 15.94
C GLY C 107 25.09 7.71 16.45
N GLU C 108 26.19 8.36 16.80
CA GLU C 108 27.36 7.71 17.38
C GLU C 108 27.01 6.91 18.64
N LYS C 109 26.29 7.55 19.57
CA LYS C 109 25.80 6.90 20.77
C LYS C 109 24.97 5.65 20.45
N ARG C 110 24.08 5.77 19.47
CA ARG C 110 23.24 4.67 19.01
C ARG C 110 24.08 3.55 18.41
N ALA C 111 25.12 3.94 17.66
CA ALA C 111 26.06 2.99 17.10
C ALA C 111 26.79 2.21 18.20
N MET C 112 27.16 2.93 19.26
CA MET C 112 27.80 2.33 20.43
C MET C 112 26.90 1.27 21.10
N GLU C 113 25.74 1.71 21.58
CA GLU C 113 24.79 0.83 22.29
C GLU C 113 24.25 -0.28 21.38
N GLN C 114 24.40 -0.07 20.07
CA GLN C 114 24.03 -1.03 19.06
C GLN C 114 25.09 -2.12 18.95
N GLY C 115 26.33 -1.74 19.17
CA GLY C 115 27.47 -2.64 18.99
C GLY C 115 27.79 -2.83 17.52
N LYS C 116 27.49 -1.82 16.71
CA LYS C 116 27.77 -1.83 15.29
C LYS C 116 27.93 -0.41 14.74
N TYR C 117 28.94 -0.25 13.89
CA TYR C 117 29.29 1.02 13.25
C TYR C 117 29.87 2.06 14.23
N PHE C 118 30.11 1.63 15.46
CA PHE C 118 30.78 2.47 16.45
C PHE C 118 32.30 2.37 16.31
N LYS C 119 32.95 3.53 16.12
CA LYS C 119 34.38 3.60 15.83
C LYS C 119 34.81 2.56 14.77
N ASP C 120 33.99 2.49 13.72
CA ASP C 120 34.23 1.61 12.59
C ASP C 120 34.96 2.45 11.54
N PRO C 121 36.08 1.92 10.99
CA PRO C 121 36.83 2.67 9.98
C PRO C 121 35.98 3.02 8.75
N ARG C 122 35.07 2.13 8.38
CA ARG C 122 34.14 2.35 7.25
C ARG C 122 33.17 3.51 7.45
N VAL C 123 32.81 3.79 8.70
CA VAL C 123 31.72 4.71 8.99
C VAL C 123 32.20 5.99 9.69
N ARG C 124 32.06 7.12 8.99
CA ARG C 124 32.44 8.42 9.53
C ARG C 124 31.22 9.27 9.85
N PHE C 125 31.31 10.02 10.95
CA PHE C 125 30.30 10.99 11.34
C PHE C 125 30.88 12.39 11.19
N LEU C 126 30.34 13.18 10.28
CA LEU C 126 30.88 14.45 9.91
C LEU C 126 29.90 15.60 10.11
N VAL C 127 30.28 16.64 10.83
CA VAL C 127 29.54 17.90 10.88
C VAL C 127 29.83 18.62 9.57
N SER C 128 28.77 18.98 8.84
CA SER C 128 28.89 19.69 7.56
C SER C 128 27.56 20.22 7.06
N ASN C 129 27.63 21.36 6.37
CA ASN C 129 26.48 22.00 5.76
C ASN C 129 26.14 21.30 4.45
N GLY C 130 24.94 20.74 4.38
CA GLY C 130 24.48 19.96 3.23
C GLY C 130 24.43 20.70 1.90
N GLU C 131 24.26 22.01 1.95
CA GLU C 131 24.25 22.83 0.75
C GLU C 131 25.65 22.99 0.14
N LYS C 132 26.68 22.66 0.92
CA LYS C 132 28.07 22.91 0.51
C LYS C 132 28.95 21.67 0.50
N LEU C 133 28.83 20.83 1.53
CA LEU C 133 29.67 19.64 1.72
C LEU C 133 31.15 19.85 1.37
N GLU C 134 31.66 21.03 1.69
CA GLU C 134 33.04 21.41 1.39
C GLU C 134 34.13 20.42 1.82
N GLU C 135 33.83 19.63 2.86
CA GLU C 135 34.76 18.62 3.37
C GLU C 135 34.79 17.37 2.50
N ILE C 136 33.84 17.27 1.57
CA ILE C 136 33.74 16.10 0.69
C ILE C 136 34.33 16.45 -0.68
N ASP C 137 35.13 15.54 -1.23
CA ASP C 137 35.78 15.77 -2.53
C ASP C 137 34.83 15.55 -3.69
N SER C 138 34.98 16.38 -4.73
CA SER C 138 34.21 16.19 -5.96
C SER C 138 34.50 14.82 -6.56
N ASP C 139 33.48 14.22 -7.18
CA ASP C 139 33.56 12.88 -7.76
C ASP C 139 34.23 11.83 -6.86
N SER C 140 33.78 11.75 -5.62
CA SER C 140 34.32 10.78 -4.67
C SER C 140 33.28 9.75 -4.24
N LYS C 141 32.03 9.93 -4.68
CA LYS C 141 30.90 9.20 -4.11
C LYS C 141 30.04 8.43 -5.12
N ASP C 142 29.69 7.20 -4.75
CA ASP C 142 28.88 6.36 -5.62
C ASP C 142 27.38 6.56 -5.36
N ILE C 143 27.02 6.75 -4.10
CA ILE C 143 25.63 6.86 -3.66
C ILE C 143 25.45 8.09 -2.75
N TYR C 144 24.48 8.95 -3.11
CA TYR C 144 24.05 10.06 -2.27
C TYR C 144 22.59 9.82 -1.84
N THR C 145 22.36 9.76 -0.52
CA THR C 145 20.99 9.66 0.00
C THR C 145 20.64 10.80 0.95
N VAL C 146 19.43 11.33 0.78
CA VAL C 146 18.85 12.24 1.75
C VAL C 146 17.39 11.82 2.03
N SER C 147 17.09 11.65 3.31
CA SER C 147 15.78 11.16 3.73
C SER C 147 15.11 12.13 4.69
N PHE C 148 14.02 12.75 4.24
CA PHE C 148 13.27 13.76 5.01
C PHE C 148 14.14 14.86 5.60
N GLY C 149 15.13 15.31 4.83
CA GLY C 149 16.01 16.39 5.26
C GLY C 149 16.03 17.55 4.30
N ILE C 150 15.94 17.29 3.00
CA ILE C 150 16.18 18.32 1.98
C ILE C 150 15.17 19.47 2.01
N ARG C 151 13.93 19.18 2.38
CA ARG C 151 12.88 20.21 2.45
C ARG C 151 13.24 21.33 3.43
N ASN C 152 14.22 21.06 4.30
CA ASN C 152 14.66 22.01 5.30
C ASN C 152 15.87 22.86 4.90
N PHE C 153 16.49 22.55 3.75
CA PHE C 153 17.60 23.35 3.23
C PHE C 153 17.07 24.75 2.93
N THR C 154 17.86 25.77 3.27
CA THR C 154 17.49 27.15 2.93
C THR C 154 17.55 27.36 1.42
N ASP C 155 18.45 26.62 0.75
CA ASP C 155 18.54 26.63 -0.70
C ASP C 155 18.59 25.20 -1.25
N ILE C 156 17.44 24.72 -1.72
CA ILE C 156 17.29 23.34 -2.16
C ILE C 156 18.14 23.06 -3.39
N GLN C 157 18.03 23.93 -4.40
CA GLN C 157 18.78 23.78 -5.65
C GLN C 157 20.28 23.70 -5.38
N LYS C 158 20.76 24.53 -4.46
CA LYS C 158 22.15 24.51 -4.04
C LYS C 158 22.54 23.16 -3.44
N GLY C 159 21.62 22.56 -2.68
CA GLY C 159 21.84 21.21 -2.14
C GLY C 159 21.97 20.19 -3.26
N LEU C 160 21.12 20.32 -4.27
CA LEU C 160 21.14 19.43 -5.43
C LEU C 160 22.43 19.58 -6.25
N ASN C 161 22.81 20.81 -6.59
CA ASN C 161 24.10 21.07 -7.27
C ASN C 161 25.27 20.46 -6.51
N THR C 162 25.25 20.56 -5.19
CA THR C 162 26.30 19.97 -4.36
C THR C 162 26.24 18.43 -4.34
N ALA C 163 25.03 17.88 -4.39
CA ALA C 163 24.86 16.44 -4.56
C ALA C 163 25.57 16.00 -5.84
N TYR C 164 25.35 16.74 -6.91
CA TYR C 164 25.98 16.48 -8.21
C TYR C 164 27.51 16.58 -8.12
N ARG C 165 28.02 17.62 -7.49
CA ARG C 165 29.43 17.75 -7.30
C ARG C 165 30.11 16.58 -6.62
N VAL C 166 29.57 16.10 -5.53
CA VAL C 166 30.29 15.08 -4.74
C VAL C 166 30.21 13.66 -5.30
N LEU C 167 29.28 13.44 -6.23
CA LEU C 167 29.08 12.14 -6.84
C LEU C 167 30.06 11.92 -8.01
N LYS C 168 30.47 10.66 -8.17
CA LYS C 168 31.26 10.23 -9.33
C LYS C 168 30.37 10.07 -10.55
N PRO C 169 30.96 10.18 -11.77
CA PRO C 169 30.21 9.79 -12.96
C PRO C 169 29.62 8.39 -12.77
N GLY C 170 28.34 8.22 -13.08
CA GLY C 170 27.63 6.97 -12.82
C GLY C 170 27.02 6.88 -11.43
N GLY C 171 27.30 7.87 -10.58
CA GLY C 171 26.74 7.91 -9.21
C GLY C 171 25.27 8.25 -9.13
N ILE C 172 24.61 7.74 -8.10
CA ILE C 172 23.16 7.88 -7.93
C ILE C 172 22.78 8.86 -6.80
N PHE C 173 21.89 9.78 -7.11
CA PHE C 173 21.19 10.59 -6.14
C PHE C 173 19.86 9.95 -5.80
N TYR C 174 19.62 9.76 -4.51
CA TYR C 174 18.40 9.15 -4.01
C TYR C 174 17.82 10.01 -2.88
N CYS C 175 16.57 10.41 -3.04
CA CYS C 175 15.89 11.26 -2.10
C CYS C 175 14.51 10.79 -1.72
N LEU C 176 14.27 10.72 -0.42
CA LEU C 176 12.94 10.46 0.14
C LEU C 176 12.47 11.71 0.84
N GLU C 177 11.30 12.21 0.46
CA GLU C 177 10.81 13.46 1.02
C GLU C 177 9.30 13.59 0.83
N PHE C 178 8.65 14.35 1.70
CA PHE C 178 7.26 14.74 1.54
C PHE C 178 7.04 15.38 0.18
N SER C 179 5.88 15.12 -0.41
CA SER C 179 5.58 15.66 -1.72
C SER C 179 4.15 16.19 -1.78
N LYS C 180 3.63 16.30 -3.00
CA LYS C 180 2.29 16.83 -3.20
C LYS C 180 1.29 15.69 -3.35
N ILE C 181 0.24 15.74 -2.54
CA ILE C 181 -0.78 14.71 -2.51
C ILE C 181 -1.59 14.72 -3.81
N GLU C 182 -1.88 13.53 -4.34
CA GLU C 182 -2.52 13.37 -5.64
C GLU C 182 -3.95 12.84 -5.53
N ASN C 183 -4.29 12.34 -4.35
CA ASN C 183 -5.64 11.92 -4.03
C ASN C 183 -6.35 13.10 -3.33
N PRO C 184 -7.38 13.67 -3.97
CA PRO C 184 -8.11 14.84 -3.45
C PRO C 184 -8.75 14.62 -2.09
N LEU C 185 -9.23 13.41 -1.83
CA LEU C 185 -9.79 13.08 -0.53
C LEU C 185 -8.67 13.08 0.52
N MET C 186 -7.53 12.47 0.18
CA MET C 186 -6.38 12.45 1.08
C MET C 186 -5.93 13.88 1.37
N ASP C 187 -5.84 14.69 0.32
CA ASP C 187 -5.42 16.08 0.44
C ASP C 187 -6.34 16.87 1.37
N PHE C 188 -7.65 16.67 1.22
CA PHE C 188 -8.64 17.31 2.07
C PHE C 188 -8.42 16.95 3.55
N ALA C 189 -8.24 15.65 3.80
CA ALA C 189 -7.94 15.16 5.15
C ALA C 189 -6.62 15.76 5.67
N TYR C 190 -5.60 15.77 4.83
CA TYR C 190 -4.32 16.37 5.21
C TYR C 190 -4.45 17.83 5.61
N GLN C 191 -5.20 18.61 4.83
CA GLN C 191 -5.34 20.05 5.11
C GLN C 191 -5.88 20.30 6.51
N GLN C 192 -6.80 19.46 6.97
CA GLN C 192 -7.37 19.58 8.30
C GLN C 192 -6.32 19.27 9.37
N TRP C 193 -5.64 18.13 9.18
CA TRP C 193 -4.50 17.68 9.97
C TRP C 193 -3.49 18.76 10.15
N ALA C 194 -3.11 19.40 9.04
CA ALA C 194 -2.07 20.41 9.05
C ALA C 194 -2.46 21.64 9.88
N LYS C 195 -3.76 21.92 9.97
CA LYS C 195 -4.24 23.05 10.77
C LYS C 195 -4.29 22.73 12.26
N VAL C 196 -4.75 21.54 12.62
CA VAL C 196 -4.91 21.17 14.02
C VAL C 196 -3.62 20.69 14.70
N LEU C 197 -2.74 20.03 13.94
CA LEU C 197 -1.51 19.45 14.50
C LEU C 197 -0.65 20.44 15.33
N PRO C 198 -0.27 21.60 14.77
CA PRO C 198 0.55 22.54 15.54
C PRO C 198 -0.20 23.16 16.71
N VAL C 199 -1.53 23.20 16.62
CA VAL C 199 -2.34 23.68 17.74
C VAL C 199 -2.25 22.70 18.91
N MET C 200 -2.36 21.41 18.60
CA MET C 200 -2.09 20.38 19.61
C MET C 200 -0.61 20.43 20.07
N GLY C 201 0.29 20.76 19.15
CA GLY C 201 1.68 21.00 19.47
C GLY C 201 1.80 22.04 20.57
N SER C 202 1.03 23.12 20.42
CA SER C 202 1.01 24.22 21.37
C SER C 202 0.40 23.78 22.69
N MET C 203 -0.79 23.21 22.62
CA MET C 203 -1.59 22.89 23.79
C MET C 203 -1.02 21.74 24.63
N ILE C 204 -0.72 20.62 23.98
CA ILE C 204 -0.27 19.42 24.67
C ILE C 204 1.22 19.46 24.98
N ALA C 205 2.02 19.86 24.00
CA ALA C 205 3.47 19.73 24.11
C ALA C 205 4.19 21.04 24.39
N ASN C 206 3.43 22.13 24.47
CA ASN C 206 4.03 23.46 24.63
C ASN C 206 5.09 23.70 23.55
N ASP C 207 4.78 23.34 22.31
CA ASP C 207 5.75 23.38 21.23
C ASP C 207 5.11 23.56 19.87
N TYR C 208 4.45 24.71 19.72
CA TYR C 208 3.88 25.12 18.45
C TYR C 208 4.92 25.19 17.33
N ASP C 209 6.08 25.80 17.64
CA ASP C 209 7.10 26.10 16.63
C ASP C 209 7.58 24.91 15.81
N SER C 210 7.91 23.83 16.50
CA SER C 210 8.41 22.62 15.85
C SER C 210 7.42 22.05 14.84
N TYR C 211 6.14 21.99 15.23
CA TYR C 211 5.12 21.43 14.35
C TYR C 211 4.75 22.40 13.23
N GLN C 212 4.68 23.68 13.56
CA GLN C 212 4.35 24.70 12.57
C GLN C 212 5.42 24.76 11.49
N TYR C 213 6.68 24.68 11.92
CA TYR C 213 7.82 24.63 11.02
C TYR C 213 7.75 23.40 10.10
N LEU C 214 7.39 22.25 10.66
CA LEU C 214 7.23 21.01 9.89
C LEU C 214 6.19 21.18 8.79
N VAL C 215 5.00 21.60 9.20
CA VAL C 215 3.89 21.81 8.28
C VAL C 215 4.23 22.81 7.17
N GLU C 216 4.92 23.89 7.53
CA GLU C 216 5.34 24.91 6.54
C GLU C 216 6.41 24.41 5.57
N SER C 217 7.39 23.65 6.08
CA SER C 217 8.43 23.08 5.22
C SER C 217 7.83 22.13 4.18
N ILE C 218 6.80 21.41 4.58
CA ILE C 218 6.10 20.49 3.69
C ILE C 218 5.32 21.24 2.62
N GLU C 219 4.61 22.29 3.04
CA GLU C 219 3.84 23.12 2.13
C GLU C 219 4.71 23.88 1.13
N ARG C 220 5.89 24.33 1.56
CA ARG C 220 6.82 25.08 0.70
C ARG C 220 7.53 24.19 -0.31
N PHE C 221 7.55 22.88 -0.06
CA PHE C 221 8.35 21.98 -0.90
C PHE C 221 7.76 21.77 -2.30
N PRO C 222 8.62 21.79 -3.34
CA PRO C 222 8.14 21.61 -4.72
C PRO C 222 7.47 20.26 -4.97
N ASP C 223 6.48 20.25 -5.88
CA ASP C 223 5.77 19.01 -6.20
C ASP C 223 6.67 18.08 -7.00
N GLN C 224 6.20 16.85 -7.25
CA GLN C 224 6.98 15.80 -7.89
C GLN C 224 7.69 16.25 -9.16
N GLU C 225 6.93 16.83 -10.09
CA GLU C 225 7.46 17.31 -11.38
C GLU C 225 8.46 18.46 -11.25
N THR C 226 8.15 19.44 -10.42
CA THR C 226 9.03 20.59 -10.20
C THR C 226 10.36 20.15 -9.60
N PHE C 227 10.29 19.25 -8.63
CA PHE C 227 11.48 18.74 -7.98
C PHE C 227 12.30 17.86 -8.92
N LYS C 228 11.63 17.14 -9.81
CA LYS C 228 12.30 16.40 -10.88
C LYS C 228 13.10 17.36 -11.78
N SER C 229 12.51 18.51 -12.14
CA SER C 229 13.17 19.49 -13.02
C SER C 229 14.40 20.12 -12.38
N MET C 230 14.34 20.29 -11.07
CA MET C 230 15.45 20.84 -10.30
C MET C 230 16.62 19.86 -10.23
N ILE C 231 16.30 18.58 -10.17
CA ILE C 231 17.30 17.51 -10.24
C ILE C 231 17.94 17.50 -11.64
N GLU C 232 17.11 17.65 -12.66
CA GLU C 232 17.61 17.77 -14.02
C GLU C 232 18.44 19.05 -14.19
N LYS C 233 17.91 20.17 -13.67
CA LYS C 233 18.62 21.45 -13.66
C LYS C 233 20.04 21.36 -13.11
N ALA C 234 20.25 20.60 -12.03
CA ALA C 234 21.57 20.40 -11.46
C ALA C 234 22.49 19.52 -12.34
N GLY C 235 21.91 18.87 -13.34
CA GLY C 235 22.71 18.10 -14.30
C GLY C 235 22.46 16.60 -14.35
N PHE C 236 21.69 16.08 -13.39
CA PHE C 236 21.41 14.64 -13.36
C PHE C 236 20.57 14.20 -14.55
N LYS C 237 20.74 12.97 -14.97
CA LYS C 237 19.96 12.45 -16.05
C LYS C 237 19.19 11.27 -15.56
N SER C 238 18.33 10.72 -16.39
CA SER C 238 17.46 9.61 -16.00
C SER C 238 16.74 9.83 -14.71
N ALA C 239 16.24 11.03 -14.50
CA ALA C 239 15.53 11.38 -13.32
C ALA C 239 14.11 10.88 -13.36
N GLY C 240 13.56 10.59 -12.20
CA GLY C 240 12.22 10.14 -12.06
C GLY C 240 11.83 10.11 -10.62
N TYR C 241 10.61 9.71 -10.32
CA TYR C 241 10.13 9.66 -8.95
C TYR C 241 9.06 8.60 -8.81
N GLU C 242 8.83 8.18 -7.57
CA GLU C 242 7.69 7.34 -7.22
C GLU C 242 6.99 7.95 -6.01
N SER C 243 5.69 8.21 -6.17
CA SER C 243 4.86 8.68 -5.07
C SER C 243 4.47 7.54 -4.16
N LEU C 244 4.59 7.76 -2.85
CA LEU C 244 4.16 6.78 -1.85
C LEU C 244 2.94 7.31 -1.13
N THR C 245 2.02 6.41 -0.76
CA THR C 245 0.84 6.77 0.03
C THR C 245 0.12 8.00 -0.51
N PHE C 246 -0.43 7.87 -1.71
CA PHE C 246 -1.19 8.95 -2.37
C PHE C 246 -0.38 10.20 -2.69
N GLY C 247 0.96 10.09 -2.67
CA GLY C 247 1.83 11.25 -2.86
C GLY C 247 2.15 12.10 -1.62
N ILE C 248 1.74 11.64 -0.44
CA ILE C 248 2.15 12.28 0.81
C ILE C 248 3.68 12.44 0.86
N CYS C 249 4.38 11.41 0.37
CA CYS C 249 5.80 11.53 0.12
C CYS C 249 6.15 10.86 -1.20
N ALA C 250 7.40 11.03 -1.61
CA ALA C 250 7.87 10.52 -2.88
C ALA C 250 9.36 10.22 -2.79
N ILE C 251 9.80 9.29 -3.64
CA ILE C 251 11.22 9.01 -3.82
C ILE C 251 11.61 9.62 -5.17
N HIS C 252 12.69 10.40 -5.19
CA HIS C 252 13.22 10.94 -6.44
C HIS C 252 14.59 10.39 -6.65
N TRP C 253 15.02 10.34 -7.91
CA TRP C 253 16.38 9.93 -8.25
C TRP C 253 16.92 10.67 -9.43
N GLY C 254 18.25 10.69 -9.51
CA GLY C 254 18.96 11.20 -10.68
C GLY C 254 20.29 10.48 -10.78
N ILE C 255 20.82 10.39 -12.00
CA ILE C 255 22.11 9.75 -12.24
C ILE C 255 23.08 10.78 -12.84
N LYS C 256 24.26 10.88 -12.25
CA LYS C 256 25.28 11.78 -12.76
C LYS C 256 25.91 11.29 -14.05
N VAL C 257 25.93 12.16 -15.07
CA VAL C 257 26.50 11.81 -16.37
C VAL C 257 25.73 10.68 -17.03
N SER D 23 4.33 0.04 -17.79
CA SER D 23 3.84 -0.01 -19.20
C SER D 23 2.60 0.86 -19.41
N VAL D 24 2.73 1.89 -20.24
CA VAL D 24 1.65 2.85 -20.52
C VAL D 24 0.51 2.22 -21.32
N ALA D 25 0.86 1.35 -22.26
CA ALA D 25 -0.12 0.69 -23.12
C ALA D 25 -0.97 -0.28 -22.31
N ASN D 26 -0.34 -0.95 -21.35
CA ASN D 26 -1.06 -1.81 -20.40
C ASN D 26 -2.13 -1.03 -19.64
N ARG D 27 -1.80 0.19 -19.27
CA ARG D 27 -2.72 1.08 -18.56
C ARG D 27 -3.92 1.49 -19.40
N TYR D 28 -3.70 1.84 -20.67
CA TYR D 28 -4.80 2.22 -21.56
C TYR D 28 -5.73 1.04 -21.81
N ASP D 29 -5.15 -0.14 -22.02
CA ASP D 29 -5.92 -1.38 -22.15
C ASP D 29 -6.78 -1.60 -20.92
N LEU D 30 -6.15 -1.46 -19.75
CA LEU D 30 -6.83 -1.63 -18.48
C LEU D 30 -7.98 -0.64 -18.38
N MET D 31 -7.69 0.64 -18.61
CA MET D 31 -8.70 1.68 -18.57
C MET D 31 -9.87 1.43 -19.54
N ASN D 32 -9.56 1.03 -20.78
CA ASN D 32 -10.60 0.69 -21.74
C ASN D 32 -11.44 -0.48 -21.29
N ASP D 33 -10.78 -1.50 -20.74
CA ASP D 33 -11.48 -2.66 -20.18
C ASP D 33 -12.39 -2.28 -19.03
N VAL D 34 -11.93 -1.37 -18.19
CA VAL D 34 -12.72 -0.93 -17.04
C VAL D 34 -13.92 -0.09 -17.49
N MET D 35 -13.67 0.90 -18.34
CA MET D 35 -14.73 1.79 -18.82
C MET D 35 -15.88 1.06 -19.50
N SER D 36 -15.54 0.07 -20.33
CA SER D 36 -16.53 -0.60 -21.16
C SER D 36 -16.78 -2.04 -20.70
N LEU D 37 -16.22 -2.41 -19.55
CA LEU D 37 -16.36 -3.76 -19.00
C LEU D 37 -15.95 -4.82 -20.05
N GLY D 38 -14.86 -4.53 -20.74
CA GLY D 38 -14.32 -5.46 -21.72
C GLY D 38 -14.99 -5.40 -23.07
N ILE D 39 -16.07 -4.62 -23.19
CA ILE D 39 -16.89 -4.67 -24.41
C ILE D 39 -16.26 -3.95 -25.60
N HIS D 40 -15.32 -3.04 -25.33
CA HIS D 40 -14.56 -2.37 -26.40
C HIS D 40 -13.88 -3.34 -27.32
N ARG D 41 -13.53 -4.52 -26.80
CA ARG D 41 -12.99 -5.61 -27.63
C ARG D 41 -13.95 -6.05 -28.72
N LEU D 42 -15.25 -6.06 -28.40
CA LEU D 42 -16.27 -6.45 -29.36
C LEU D 42 -16.57 -5.30 -30.33
N TRP D 43 -16.58 -4.06 -29.83
CA TRP D 43 -16.70 -2.90 -30.72
C TRP D 43 -15.64 -2.89 -31.78
N LYS D 44 -14.40 -3.19 -31.36
CA LYS D 44 -13.25 -3.24 -32.26
C LYS D 44 -13.39 -4.34 -33.32
N ASP D 45 -13.78 -5.54 -32.88
CA ASP D 45 -14.08 -6.67 -33.76
C ASP D 45 -15.07 -6.28 -34.82
N HIS D 46 -16.13 -5.57 -34.39
CA HIS D 46 -17.17 -5.09 -35.28
C HIS D 46 -16.64 -4.07 -36.25
N PHE D 47 -15.90 -3.10 -35.73
CA PHE D 47 -15.27 -2.01 -36.49
C PHE D 47 -14.44 -2.54 -37.67
N ILE D 48 -13.63 -3.56 -37.40
CA ILE D 48 -12.81 -4.22 -38.41
C ILE D 48 -13.68 -4.96 -39.44
N ASN D 49 -14.62 -5.78 -38.95
CA ASN D 49 -15.52 -6.53 -39.82
C ASN D 49 -16.36 -5.64 -40.74
N LYS D 50 -16.86 -4.55 -40.18
CA LYS D 50 -17.66 -3.58 -40.93
C LYS D 50 -16.82 -2.91 -42.02
N LEU D 51 -15.59 -2.54 -41.70
CA LEU D 51 -14.69 -1.91 -42.67
C LEU D 51 -14.39 -2.86 -43.84
N ASP D 52 -14.22 -4.14 -43.51
CA ASP D 52 -14.05 -5.21 -44.49
C ASP D 52 -13.02 -4.84 -45.57
N ALA D 53 -11.93 -4.20 -45.14
CA ALA D 53 -10.90 -3.70 -46.04
C ALA D 53 -9.91 -4.79 -46.43
N GLY D 54 -9.25 -4.61 -47.57
CA GLY D 54 -8.22 -5.53 -48.03
C GLY D 54 -8.14 -5.73 -49.54
N LYS D 55 -6.96 -6.18 -50.00
CA LYS D 55 -6.72 -6.51 -51.40
C LYS D 55 -7.51 -7.76 -51.76
N ARG D 56 -8.50 -7.60 -52.65
CA ARG D 56 -9.32 -8.72 -53.11
C ARG D 56 -8.52 -9.69 -53.97
N PRO D 57 -8.88 -10.99 -53.93
CA PRO D 57 -8.20 -11.97 -54.80
C PRO D 57 -8.34 -11.62 -56.29
N ASN D 58 -9.28 -10.75 -56.62
CA ASN D 58 -9.49 -10.27 -57.99
C ASN D 58 -8.58 -9.10 -58.37
N SER D 59 -7.73 -8.68 -57.42
CA SER D 59 -6.90 -7.50 -57.61
C SER D 59 -5.40 -7.80 -57.47
N THR D 60 -4.58 -6.91 -58.02
CA THR D 60 -3.13 -7.04 -57.96
C THR D 60 -2.48 -5.83 -57.30
N THR D 61 -3.27 -4.78 -57.08
CA THR D 61 -2.82 -3.60 -56.36
C THR D 61 -3.00 -3.79 -54.85
N PRO D 62 -1.88 -3.81 -54.09
CA PRO D 62 -1.96 -3.91 -52.64
C PRO D 62 -2.30 -2.55 -52.04
N LEU D 63 -3.13 -2.57 -51.00
CA LEU D 63 -3.60 -1.32 -50.37
C LEU D 63 -2.61 -0.78 -49.33
N ASN D 64 -2.69 0.52 -49.05
CA ASN D 64 -1.80 1.17 -48.09
C ASN D 64 -2.55 1.71 -46.87
N PHE D 65 -2.40 1.03 -45.74
CA PHE D 65 -3.11 1.37 -44.53
C PHE D 65 -2.34 2.37 -43.67
N ILE D 66 -3.07 3.20 -42.95
CA ILE D 66 -2.51 3.96 -41.83
C ILE D 66 -3.44 3.89 -40.61
N ASP D 67 -2.85 3.63 -39.45
CA ASP D 67 -3.57 3.57 -38.21
C ASP D 67 -2.92 4.57 -37.26
N VAL D 68 -3.72 5.51 -36.78
CA VAL D 68 -3.20 6.61 -35.98
C VAL D 68 -3.68 6.48 -34.53
N ALA D 69 -2.80 6.84 -33.60
CA ALA D 69 -3.12 6.92 -32.16
C ALA D 69 -3.51 5.63 -31.47
N GLY D 70 -3.14 4.50 -32.08
CA GLY D 70 -3.26 3.19 -31.43
C GLY D 70 -1.95 2.42 -31.58
N GLY D 71 -0.88 3.01 -31.03
CA GLY D 71 0.48 2.48 -31.18
C GLY D 71 0.69 1.02 -30.79
N SER D 72 -0.03 0.57 -29.76
CA SER D 72 0.06 -0.79 -29.26
C SER D 72 -0.51 -1.81 -30.24
N GLY D 73 -1.25 -1.32 -31.23
CA GLY D 73 -1.51 -2.08 -32.46
C GLY D 73 -2.66 -3.06 -32.56
N ASP D 74 -3.58 -3.07 -31.59
CA ASP D 74 -4.66 -4.08 -31.67
C ASP D 74 -5.59 -3.89 -32.88
N ILE D 75 -5.79 -2.65 -33.31
CA ILE D 75 -6.57 -2.40 -34.51
C ILE D 75 -5.75 -2.68 -35.77
N ALA D 76 -4.52 -2.15 -35.82
CA ALA D 76 -3.65 -2.32 -36.98
C ALA D 76 -3.42 -3.80 -37.32
N PHE D 77 -3.08 -4.59 -36.30
CA PHE D 77 -2.83 -6.03 -36.47
C PHE D 77 -4.09 -6.79 -36.88
N GLY D 78 -5.23 -6.34 -36.36
CA GLY D 78 -6.51 -6.98 -36.65
C GLY D 78 -6.98 -6.67 -38.05
N LEU D 79 -6.69 -5.46 -38.52
CA LEU D 79 -6.95 -5.10 -39.90
C LEU D 79 -6.14 -6.02 -40.81
N LEU D 80 -4.84 -6.11 -40.52
CA LEU D 80 -3.96 -7.00 -41.27
C LEU D 80 -4.40 -8.46 -41.17
N ASP D 81 -4.75 -8.92 -39.97
CA ASP D 81 -5.22 -10.30 -39.79
C ASP D 81 -6.48 -10.60 -40.57
N HIS D 82 -7.33 -9.59 -40.67
CA HIS D 82 -8.62 -9.74 -41.33
C HIS D 82 -8.45 -9.82 -42.81
N ALA D 83 -7.54 -9.00 -43.33
CA ALA D 83 -7.22 -9.00 -44.76
C ALA D 83 -6.66 -10.34 -45.20
N GLU D 84 -5.79 -10.92 -44.38
CA GLU D 84 -5.22 -12.23 -44.66
C GLU D 84 -6.27 -13.35 -44.71
N SER D 85 -6.99 -13.56 -43.61
CA SER D 85 -7.88 -14.71 -43.48
C SER D 85 -9.14 -14.66 -44.36
N LYS D 86 -9.55 -13.47 -44.80
CA LYS D 86 -10.77 -13.33 -45.60
C LYS D 86 -10.55 -13.08 -47.09
N PHE D 87 -9.40 -12.50 -47.45
CA PHE D 87 -9.12 -12.16 -48.84
C PHE D 87 -7.79 -12.72 -49.35
N GLY D 88 -7.02 -13.35 -48.47
CA GLY D 88 -5.70 -13.88 -48.82
C GLY D 88 -4.67 -12.78 -49.01
N ASP D 89 -5.01 -11.57 -48.57
CA ASP D 89 -4.15 -10.40 -48.69
C ASP D 89 -2.98 -10.52 -47.70
N THR D 90 -1.76 -10.56 -48.23
CA THR D 90 -0.54 -10.53 -47.41
C THR D 90 0.48 -9.56 -47.96
N GLU D 91 0.01 -8.56 -48.70
CA GLU D 91 0.88 -7.60 -49.36
C GLU D 91 0.58 -6.16 -48.99
N SER D 92 -0.62 -5.90 -48.49
CA SER D 92 -1.01 -4.55 -48.08
C SER D 92 -0.13 -4.04 -46.93
N THR D 93 0.29 -2.78 -47.03
CA THR D 93 1.18 -2.19 -46.05
C THR D 93 0.41 -1.43 -44.97
N MET D 94 1.08 -1.17 -43.84
CA MET D 94 0.46 -0.57 -42.68
C MET D 94 1.46 0.31 -41.95
N ASP D 95 1.14 1.61 -41.86
CA ASP D 95 1.87 2.51 -40.98
C ASP D 95 1.09 2.65 -39.68
N ILE D 96 1.74 2.25 -38.58
CA ILE D 96 1.21 2.41 -37.23
C ILE D 96 1.87 3.65 -36.66
N VAL D 97 1.06 4.70 -36.44
CA VAL D 97 1.54 6.01 -36.04
C VAL D 97 0.96 6.43 -34.69
N ASP D 98 1.81 6.93 -33.81
CA ASP D 98 1.42 7.41 -32.49
C ASP D 98 2.39 8.51 -32.09
N ILE D 99 1.93 9.46 -31.29
CA ILE D 99 2.81 10.51 -30.77
C ILE D 99 3.61 9.98 -29.56
N ASN D 100 3.20 8.83 -29.03
CA ASN D 100 3.86 8.28 -27.86
C ASN D 100 4.73 7.08 -28.22
N PRO D 101 6.08 7.25 -28.13
CA PRO D 101 7.03 6.18 -28.46
C PRO D 101 6.79 4.91 -27.64
N ASP D 102 6.55 5.08 -26.33
CA ASP D 102 6.22 3.96 -25.43
C ASP D 102 5.08 3.08 -25.94
N MET D 103 4.08 3.70 -26.56
CA MET D 103 2.95 2.97 -27.13
C MET D 103 3.37 2.10 -28.31
N LEU D 104 4.17 2.67 -29.20
CA LEU D 104 4.68 1.95 -30.36
C LEU D 104 5.64 0.84 -29.95
N LYS D 105 6.41 1.09 -28.88
CA LYS D 105 7.29 0.07 -28.30
C LYS D 105 6.51 -1.14 -27.81
N GLU D 106 5.35 -0.91 -27.22
CA GLU D 106 4.53 -2.03 -26.77
C GLU D 106 3.92 -2.78 -27.96
N GLY D 107 3.57 -2.02 -29.01
CA GLY D 107 3.13 -2.61 -30.27
C GLY D 107 4.15 -3.59 -30.83
N GLU D 108 5.37 -3.11 -31.05
CA GLU D 108 6.47 -3.95 -31.52
C GLU D 108 6.70 -5.18 -30.64
N LYS D 109 6.65 -4.98 -29.32
CA LYS D 109 6.85 -6.06 -28.36
C LYS D 109 5.79 -7.15 -28.53
N ARG D 110 4.53 -6.71 -28.65
CA ARG D 110 3.41 -7.64 -28.87
C ARG D 110 3.54 -8.36 -30.20
N ALA D 111 4.04 -7.65 -31.21
CA ALA D 111 4.30 -8.22 -32.53
C ALA D 111 5.38 -9.30 -32.45
N MET D 112 6.44 -9.03 -31.68
CA MET D 112 7.50 -10.01 -31.43
C MET D 112 6.95 -11.23 -30.69
N GLU D 113 6.27 -10.97 -29.58
CA GLU D 113 5.75 -12.04 -28.72
C GLU D 113 4.70 -12.91 -29.38
N GLN D 114 3.89 -12.34 -30.27
CA GLN D 114 2.91 -13.12 -31.02
C GLN D 114 3.54 -13.74 -32.26
N GLY D 115 4.75 -13.30 -32.60
CA GLY D 115 5.49 -13.77 -33.76
C GLY D 115 4.84 -13.39 -35.09
N LYS D 116 4.40 -12.15 -35.20
CA LYS D 116 3.78 -11.64 -36.43
C LYS D 116 3.85 -10.12 -36.51
N TYR D 117 4.29 -9.62 -37.67
CA TYR D 117 4.45 -8.17 -37.94
C TYR D 117 5.64 -7.52 -37.23
N PHE D 118 6.41 -8.33 -36.50
CA PHE D 118 7.69 -7.90 -35.96
C PHE D 118 8.75 -8.05 -37.04
N LYS D 119 9.56 -7.01 -37.23
CA LYS D 119 10.54 -6.96 -38.33
C LYS D 119 9.88 -7.38 -39.65
N ASP D 120 8.78 -6.72 -39.98
CA ASP D 120 8.04 -7.00 -41.20
C ASP D 120 8.16 -5.79 -42.12
N PRO D 121 8.65 -5.98 -43.35
CA PRO D 121 8.78 -4.86 -44.29
C PRO D 121 7.44 -4.15 -44.54
N ARG D 122 6.34 -4.90 -44.46
CA ARG D 122 5.00 -4.38 -44.66
C ARG D 122 4.54 -3.41 -43.57
N VAL D 123 5.07 -3.58 -42.35
CA VAL D 123 4.61 -2.86 -41.17
C VAL D 123 5.66 -1.89 -40.64
N ARG D 124 5.31 -0.60 -40.59
CA ARG D 124 6.21 0.42 -40.08
C ARG D 124 5.63 1.06 -38.81
N PHE D 125 6.46 1.20 -37.77
CA PHE D 125 6.09 1.91 -36.55
C PHE D 125 6.76 3.28 -36.58
N LEU D 126 5.98 4.34 -36.41
CA LEU D 126 6.46 5.69 -36.58
C LEU D 126 5.95 6.64 -35.52
N VAL D 127 6.86 7.36 -34.88
CA VAL D 127 6.52 8.43 -33.96
C VAL D 127 6.10 9.63 -34.78
N SER D 128 4.91 10.18 -34.50
CA SER D 128 4.39 11.33 -35.23
C SER D 128 3.16 11.91 -34.55
N ASN D 129 3.04 13.24 -34.62
CA ASN D 129 1.87 13.98 -34.14
C ASN D 129 0.70 13.70 -35.06
N GLY D 130 -0.42 13.30 -34.46
CA GLY D 130 -1.63 12.93 -35.21
C GLY D 130 -2.25 14.09 -35.97
N GLU D 131 -1.99 15.31 -35.50
CA GLU D 131 -2.51 16.52 -36.15
C GLU D 131 -1.68 16.97 -37.36
N LYS D 132 -0.41 16.57 -37.42
CA LYS D 132 0.49 17.00 -38.50
C LYS D 132 0.81 15.87 -39.49
N LEU D 133 1.26 14.73 -38.98
CA LEU D 133 1.69 13.58 -39.81
C LEU D 133 2.66 13.96 -40.95
N GLU D 134 3.61 14.84 -40.66
CA GLU D 134 4.56 15.35 -41.66
C GLU D 134 5.33 14.27 -42.42
N GLU D 135 5.70 13.20 -41.71
CA GLU D 135 6.39 12.04 -42.27
C GLU D 135 5.58 11.27 -43.32
N ILE D 136 4.28 11.56 -43.43
CA ILE D 136 3.39 10.87 -44.38
C ILE D 136 3.03 11.75 -45.57
N ASP D 137 3.08 11.14 -46.76
CA ASP D 137 2.79 11.80 -48.03
C ASP D 137 1.30 12.07 -48.22
N SER D 138 1.01 13.25 -48.76
CA SER D 138 -0.34 13.58 -49.21
C SER D 138 -0.78 12.58 -50.28
N ASP D 139 -2.04 12.20 -50.24
CA ASP D 139 -2.65 11.27 -51.20
C ASP D 139 -1.95 9.92 -51.32
N SER D 140 -1.34 9.45 -50.24
CA SER D 140 -0.62 8.17 -50.26
C SER D 140 -1.41 6.99 -49.73
N LYS D 141 -2.44 7.25 -48.93
CA LYS D 141 -3.11 6.18 -48.17
C LYS D 141 -4.52 5.83 -48.66
N ASP D 142 -4.85 4.55 -48.58
CA ASP D 142 -6.16 4.07 -49.01
C ASP D 142 -7.16 3.96 -47.86
N ILE D 143 -6.65 3.58 -46.68
CA ILE D 143 -7.47 3.36 -45.50
C ILE D 143 -6.81 4.06 -44.31
N TYR D 144 -7.56 4.98 -43.70
CA TYR D 144 -7.12 5.64 -42.47
C TYR D 144 -8.03 5.17 -41.33
N THR D 145 -7.44 4.62 -40.26
CA THR D 145 -8.20 4.25 -39.06
C THR D 145 -7.68 4.96 -37.82
N VAL D 146 -8.60 5.41 -36.98
CA VAL D 146 -8.28 5.93 -35.65
C VAL D 146 -9.30 5.37 -34.66
N SER D 147 -8.81 4.72 -33.61
CA SER D 147 -9.67 3.97 -32.73
C SER D 147 -9.40 4.34 -31.29
N PHE D 148 -10.36 5.04 -30.67
CA PHE D 148 -10.28 5.47 -29.27
C PHE D 148 -9.06 6.35 -28.97
N GLY D 149 -8.65 7.13 -29.96
CA GLY D 149 -7.54 8.07 -29.81
C GLY D 149 -7.92 9.50 -30.12
N ILE D 150 -8.81 9.68 -31.09
CA ILE D 150 -9.07 11.02 -31.61
C ILE D 150 -9.68 11.99 -30.58
N ARG D 151 -10.38 11.44 -29.58
CA ARG D 151 -10.94 12.26 -28.51
C ARG D 151 -9.86 12.98 -27.68
N ASN D 152 -8.62 12.52 -27.77
CA ASN D 152 -7.52 13.12 -27.00
C ASN D 152 -6.67 14.13 -27.77
N PHE D 153 -6.94 14.29 -29.06
CA PHE D 153 -6.25 15.31 -29.86
C PHE D 153 -6.60 16.67 -29.29
N THR D 154 -5.62 17.53 -29.18
CA THR D 154 -5.85 18.88 -28.77
C THR D 154 -6.64 19.68 -29.81
N ASP D 155 -6.45 19.37 -31.07
CA ASP D 155 -7.23 19.96 -32.14
C ASP D 155 -7.81 18.84 -33.02
N ILE D 156 -9.06 18.48 -32.75
CA ILE D 156 -9.73 17.38 -33.47
C ILE D 156 -9.94 17.67 -34.95
N GLN D 157 -10.34 18.91 -35.28
CA GLN D 157 -10.58 19.28 -36.68
C GLN D 157 -9.30 19.18 -37.51
N LYS D 158 -8.19 19.68 -36.94
CA LYS D 158 -6.89 19.61 -37.60
C LYS D 158 -6.49 18.15 -37.88
N GLY D 159 -6.82 17.26 -36.94
CA GLY D 159 -6.63 15.83 -37.13
C GLY D 159 -7.43 15.29 -38.31
N LEU D 160 -8.68 15.71 -38.41
CA LEU D 160 -9.56 15.27 -39.48
C LEU D 160 -9.10 15.82 -40.83
N ASN D 161 -8.65 17.08 -40.83
CA ASN D 161 -8.12 17.72 -42.03
C ASN D 161 -6.88 16.97 -42.49
N THR D 162 -5.98 16.68 -41.54
CA THR D 162 -4.75 15.96 -41.81
C THR D 162 -5.06 14.56 -42.33
N ALA D 163 -6.10 13.93 -41.78
CA ALA D 163 -6.58 12.64 -42.29
C ALA D 163 -7.08 12.77 -43.73
N TYR D 164 -7.63 13.93 -44.07
CA TYR D 164 -8.02 14.18 -45.46
C TYR D 164 -6.79 14.26 -46.37
N ARG D 165 -5.78 15.01 -45.94
CA ARG D 165 -4.56 15.19 -46.71
C ARG D 165 -3.93 13.86 -47.18
N VAL D 166 -3.71 12.95 -46.24
CA VAL D 166 -2.91 11.73 -46.48
C VAL D 166 -3.63 10.64 -47.25
N LEU D 167 -4.95 10.74 -47.34
CA LEU D 167 -5.72 9.76 -48.12
C LEU D 167 -5.70 10.09 -49.60
N LYS D 168 -5.77 9.04 -50.44
CA LYS D 168 -5.97 9.16 -51.87
C LYS D 168 -7.44 9.50 -52.15
N PRO D 169 -7.73 10.05 -53.35
CA PRO D 169 -9.13 10.07 -53.78
C PRO D 169 -9.70 8.65 -53.78
N GLY D 170 -10.88 8.49 -53.22
CA GLY D 170 -11.47 7.16 -53.02
C GLY D 170 -11.03 6.51 -51.72
N GLY D 171 -10.24 7.24 -50.93
CA GLY D 171 -9.80 6.75 -49.62
C GLY D 171 -10.93 6.73 -48.61
N ILE D 172 -10.82 5.87 -47.60
CA ILE D 172 -11.84 5.75 -46.56
C ILE D 172 -11.29 6.15 -45.20
N PHE D 173 -11.98 7.08 -44.55
CA PHE D 173 -11.70 7.43 -43.16
C PHE D 173 -12.67 6.65 -42.25
N TYR D 174 -12.13 5.90 -41.31
CA TYR D 174 -12.95 5.11 -40.38
C TYR D 174 -12.54 5.44 -38.96
N CYS D 175 -13.51 5.75 -38.11
CA CYS D 175 -13.25 6.15 -36.74
C CYS D 175 -14.08 5.35 -35.75
N LEU D 176 -13.44 4.91 -34.67
CA LEU D 176 -14.13 4.31 -33.52
C LEU D 176 -13.82 5.20 -32.34
N GLU D 177 -14.85 5.74 -31.71
CA GLU D 177 -14.66 6.65 -30.57
C GLU D 177 -15.89 6.62 -29.66
N PHE D 178 -15.68 6.97 -28.39
CA PHE D 178 -16.79 7.18 -27.45
C PHE D 178 -17.74 8.24 -27.99
N SER D 179 -19.03 8.07 -27.75
CA SER D 179 -20.03 9.00 -28.27
C SER D 179 -21.07 9.37 -27.22
N LYS D 180 -22.25 9.76 -27.67
CA LYS D 180 -23.31 10.18 -26.78
C LYS D 180 -24.46 9.17 -26.74
N ILE D 181 -24.85 8.81 -25.53
CA ILE D 181 -25.97 7.90 -25.30
C ILE D 181 -27.27 8.69 -25.50
N GLU D 182 -28.15 8.14 -26.33
CA GLU D 182 -29.40 8.81 -26.68
C GLU D 182 -30.45 8.71 -25.57
N ASN D 183 -30.64 7.51 -25.06
CA ASN D 183 -31.58 7.23 -24.02
C ASN D 183 -31.20 7.84 -22.66
N PRO D 184 -32.11 8.59 -22.05
CA PRO D 184 -31.87 9.30 -20.80
C PRO D 184 -31.56 8.39 -19.60
N LEU D 185 -32.16 7.21 -19.56
CA LEU D 185 -32.00 6.29 -18.45
C LEU D 185 -30.58 5.70 -18.46
N MET D 186 -30.13 5.33 -19.64
CA MET D 186 -28.82 4.78 -19.80
C MET D 186 -27.78 5.84 -19.62
N ASP D 187 -28.06 7.02 -20.11
CA ASP D 187 -27.12 8.12 -19.96
C ASP D 187 -26.94 8.47 -18.48
N PHE D 188 -28.04 8.40 -17.74
CA PHE D 188 -28.01 8.71 -16.32
C PHE D 188 -27.12 7.75 -15.55
N ALA D 189 -27.26 6.46 -15.83
CA ALA D 189 -26.43 5.41 -15.25
C ALA D 189 -24.95 5.64 -15.57
N TYR D 190 -24.65 5.82 -16.86
CA TYR D 190 -23.30 6.16 -17.31
C TYR D 190 -22.67 7.36 -16.57
N GLN D 191 -23.44 8.42 -16.35
CA GLN D 191 -22.93 9.59 -15.66
C GLN D 191 -22.56 9.28 -14.20
N GLN D 192 -23.31 8.38 -13.56
CA GLN D 192 -22.98 7.99 -12.18
C GLN D 192 -21.72 7.13 -12.19
N TRP D 193 -21.59 6.34 -13.24
CA TRP D 193 -20.41 5.50 -13.44
C TRP D 193 -19.20 6.38 -13.63
N ALA D 194 -19.37 7.44 -14.43
CA ALA D 194 -18.29 8.39 -14.69
C ALA D 194 -17.90 9.21 -13.46
N LYS D 195 -18.83 9.41 -12.52
CA LYS D 195 -18.54 10.12 -11.27
C LYS D 195 -17.73 9.24 -10.32
N VAL D 196 -18.15 7.99 -10.16
CA VAL D 196 -17.52 7.10 -9.19
C VAL D 196 -16.14 6.60 -9.64
N LEU D 197 -15.94 6.52 -10.94
CA LEU D 197 -14.74 5.91 -11.51
C LEU D 197 -13.43 6.58 -11.06
N PRO D 198 -13.36 7.94 -11.11
CA PRO D 198 -12.15 8.60 -10.63
C PRO D 198 -11.98 8.60 -9.12
N VAL D 199 -13.07 8.43 -8.39
CA VAL D 199 -13.00 8.28 -6.94
C VAL D 199 -12.38 6.92 -6.57
N MET D 200 -12.85 5.86 -7.21
CA MET D 200 -12.33 4.52 -6.99
C MET D 200 -10.86 4.45 -7.40
N GLY D 201 -10.55 4.99 -8.57
CA GLY D 201 -9.19 5.03 -9.06
C GLY D 201 -8.27 5.69 -8.05
N SER D 202 -8.67 6.85 -7.56
CA SER D 202 -7.91 7.54 -6.57
C SER D 202 -7.62 6.74 -5.35
N MET D 203 -8.63 6.12 -4.79
CA MET D 203 -8.56 5.44 -3.52
C MET D 203 -7.81 4.14 -3.64
N ILE D 204 -7.98 3.48 -4.74
CA ILE D 204 -7.47 2.14 -4.91
C ILE D 204 -6.12 2.12 -5.63
N ALA D 205 -5.91 3.05 -6.53
CA ALA D 205 -4.75 3.01 -7.41
C ALA D 205 -3.97 4.32 -7.40
N ASN D 206 -4.33 5.24 -6.51
CA ASN D 206 -3.80 6.61 -6.53
C ASN D 206 -3.76 7.20 -7.93
N ASP D 207 -4.81 6.95 -8.70
CA ASP D 207 -4.81 7.32 -10.12
C ASP D 207 -6.00 8.21 -10.50
N TYR D 208 -6.32 9.16 -9.62
CA TYR D 208 -7.39 10.12 -9.87
C TYR D 208 -7.27 10.78 -11.24
N ASP D 209 -6.10 11.39 -11.48
CA ASP D 209 -5.87 12.19 -12.68
C ASP D 209 -6.17 11.46 -13.99
N SER D 210 -5.74 10.20 -14.07
CA SER D 210 -5.96 9.42 -15.29
C SER D 210 -7.43 9.20 -15.55
N TYR D 211 -8.18 8.81 -14.51
CA TYR D 211 -9.59 8.51 -14.69
C TYR D 211 -10.39 9.78 -14.94
N GLN D 212 -10.04 10.88 -14.26
CA GLN D 212 -10.70 12.17 -14.48
C GLN D 212 -10.49 12.69 -15.91
N TYR D 213 -9.29 12.52 -16.43
CA TYR D 213 -8.99 12.95 -17.78
C TYR D 213 -9.78 12.12 -18.78
N LEU D 214 -9.84 10.82 -18.55
CA LEU D 214 -10.60 9.90 -19.40
C LEU D 214 -12.09 10.28 -19.47
N VAL D 215 -12.68 10.49 -18.30
CA VAL D 215 -14.09 10.87 -18.20
C VAL D 215 -14.33 12.23 -18.86
N GLU D 216 -13.43 13.19 -18.62
CA GLU D 216 -13.58 14.51 -19.24
C GLU D 216 -13.44 14.49 -20.77
N SER D 217 -12.52 13.68 -21.29
CA SER D 217 -12.30 13.64 -22.73
C SER D 217 -13.51 13.03 -23.44
N ILE D 218 -14.18 12.09 -22.78
CA ILE D 218 -15.43 11.53 -23.29
C ILE D 218 -16.54 12.58 -23.29
N GLU D 219 -16.67 13.27 -22.16
CA GLU D 219 -17.68 14.33 -21.97
C GLU D 219 -17.53 15.45 -22.99
N ARG D 220 -16.29 15.84 -23.28
CA ARG D 220 -15.99 16.98 -24.14
C ARG D 220 -16.14 16.64 -25.62
N PHE D 221 -16.19 15.35 -25.95
CA PHE D 221 -16.18 14.92 -27.34
C PHE D 221 -17.52 15.21 -28.01
N PRO D 222 -17.49 15.66 -29.29
CA PRO D 222 -18.76 16.02 -29.96
C PRO D 222 -19.66 14.81 -30.20
N ASP D 223 -20.97 15.04 -30.10
CA ASP D 223 -21.94 13.97 -30.37
C ASP D 223 -21.99 13.54 -31.84
N GLN D 224 -22.70 12.45 -32.12
CA GLN D 224 -22.70 11.83 -33.44
C GLN D 224 -22.87 12.83 -34.61
N GLU D 225 -23.88 13.71 -34.55
CA GLU D 225 -24.15 14.67 -35.64
C GLU D 225 -23.06 15.71 -35.76
N THR D 226 -22.65 16.30 -34.64
CA THR D 226 -21.58 17.32 -34.64
C THR D 226 -20.24 16.78 -35.21
N PHE D 227 -19.91 15.54 -34.86
CA PHE D 227 -18.66 14.92 -35.32
C PHE D 227 -18.71 14.64 -36.81
N LYS D 228 -19.87 14.18 -37.29
CA LYS D 228 -20.12 13.95 -38.71
C LYS D 228 -19.94 15.21 -39.56
N SER D 229 -20.36 16.35 -39.03
CA SER D 229 -20.21 17.64 -39.67
C SER D 229 -18.75 18.04 -39.75
N MET D 230 -18.02 17.79 -38.66
CA MET D 230 -16.60 18.08 -38.60
C MET D 230 -15.86 17.26 -39.65
N ILE D 231 -16.37 16.06 -39.91
CA ILE D 231 -15.85 15.17 -40.94
C ILE D 231 -16.16 15.67 -42.36
N GLU D 232 -17.36 16.22 -42.56
CA GLU D 232 -17.72 16.84 -43.84
C GLU D 232 -16.97 18.15 -44.02
N LYS D 233 -16.77 18.88 -42.92
CA LYS D 233 -15.98 20.11 -42.94
C LYS D 233 -14.53 19.86 -43.33
N ALA D 234 -13.99 18.70 -42.96
CA ALA D 234 -12.63 18.30 -43.36
C ALA D 234 -12.53 18.01 -44.85
N GLY D 235 -13.66 17.68 -45.47
CA GLY D 235 -13.71 17.52 -46.93
C GLY D 235 -14.31 16.20 -47.37
N PHE D 236 -14.54 15.31 -46.41
CA PHE D 236 -15.04 13.96 -46.70
C PHE D 236 -16.48 14.00 -47.18
N LYS D 237 -16.82 13.06 -48.06
CA LYS D 237 -18.18 12.96 -48.61
C LYS D 237 -18.82 11.64 -48.17
N SER D 238 -20.13 11.53 -48.36
CA SER D 238 -20.93 10.39 -47.87
C SER D 238 -20.57 9.96 -46.45
N ALA D 239 -20.47 10.96 -45.58
CA ALA D 239 -20.24 10.76 -44.16
C ALA D 239 -21.45 10.07 -43.51
N GLY D 240 -21.15 9.09 -42.67
CA GLY D 240 -22.16 8.39 -41.87
C GLY D 240 -21.60 7.97 -40.52
N TYR D 241 -22.45 7.37 -39.70
CA TYR D 241 -22.02 6.77 -38.44
C TYR D 241 -22.98 5.67 -38.06
N GLU D 242 -22.48 4.71 -37.28
CA GLU D 242 -23.33 3.74 -36.61
C GLU D 242 -23.04 3.80 -35.11
N SER D 243 -24.08 4.05 -34.34
CA SER D 243 -23.98 4.08 -32.91
C SER D 243 -23.93 2.65 -32.39
N LEU D 244 -23.01 2.36 -31.49
CA LEU D 244 -22.91 1.06 -30.91
C LEU D 244 -23.28 1.09 -29.46
N THR D 245 -23.85 0.00 -29.00
CA THR D 245 -24.27 -0.18 -27.61
C THR D 245 -24.95 1.11 -27.09
N PHE D 246 -26.04 1.45 -27.77
CA PHE D 246 -26.89 2.60 -27.42
C PHE D 246 -26.19 3.95 -27.52
N GLY D 247 -25.08 4.01 -28.25
CA GLY D 247 -24.41 5.28 -28.45
C GLY D 247 -23.26 5.56 -27.49
N ILE D 248 -22.93 4.62 -26.60
CA ILE D 248 -21.77 4.76 -25.70
C ILE D 248 -20.51 4.96 -26.55
N CYS D 249 -20.49 4.35 -27.73
CA CYS D 249 -19.50 4.71 -28.73
C CYS D 249 -20.11 4.65 -30.12
N ALA D 250 -19.34 5.08 -31.11
CA ALA D 250 -19.83 5.21 -32.48
C ALA D 250 -18.74 4.95 -33.51
N ILE D 251 -19.13 4.38 -34.65
CA ILE D 251 -18.24 4.29 -35.80
C ILE D 251 -18.64 5.41 -36.76
N HIS D 252 -17.68 6.27 -37.08
CA HIS D 252 -17.89 7.28 -38.12
C HIS D 252 -17.07 6.96 -39.33
N TRP D 253 -17.58 7.32 -40.50
CA TRP D 253 -16.83 7.17 -41.73
C TRP D 253 -16.95 8.35 -42.66
N GLY D 254 -16.07 8.37 -43.65
CA GLY D 254 -16.01 9.43 -44.67
C GLY D 254 -15.30 8.88 -45.90
N ILE D 255 -15.47 9.56 -47.04
CA ILE D 255 -14.73 9.20 -48.25
C ILE D 255 -14.10 10.47 -48.85
N LYS D 256 -12.83 10.39 -49.22
CA LYS D 256 -12.14 11.55 -49.82
C LYS D 256 -12.62 11.77 -51.26
N VAL D 257 -12.97 13.03 -51.56
CA VAL D 257 -13.58 13.43 -52.85
C VAL D 257 -14.44 12.33 -53.48
C TAM E . -15.37 13.36 6.99
C1 TAM E . -15.49 13.95 8.37
C2 TAM E . -14.00 13.41 6.43
C3 TAM E . -15.99 11.97 7.11
C4 TAM E . -16.94 13.73 8.78
C5 TAM E . -14.06 13.55 4.93
C6 TAM E . -15.11 10.76 7.29
N TAM E . -16.20 14.14 6.11
O4 TAM E . -17.68 14.93 8.61
O5 TAM E . -12.82 13.17 4.34
O6 TAM E . -15.82 9.93 8.16
C TAM F . -17.06 12.67 -3.20
C1 TAM F . -17.37 11.23 -2.80
C2 TAM F . -15.55 12.84 -3.43
C3 TAM F . -17.84 13.03 -4.48
C4 TAM F . -16.99 10.94 -1.35
C5 TAM F . -15.15 14.22 -3.92
C6 TAM F . -19.05 13.93 -4.25
N TAM F . -17.48 13.53 -2.10
O4 TAM F . -16.24 9.72 -1.29
O5 TAM F . -14.46 14.07 -5.17
O6 TAM F . -18.62 15.22 -3.79
#